data_9BET
#
_entry.id   9BET
#
_entity_poly.entity_id   1
_entity_poly.type   'polypeptide(L)'
_entity_poly.pdbx_seq_one_letter_code
;GQETRAGVVHGAIGGAGVTALLALCLCLIFFIVKTHRRKAAR
;
_entity_poly.pdbx_strand_id   A
#
# COMPACT_ATOMS: atom_id res chain seq x y z
N GLY A 1 15.88 3.09 -12.94
CA GLY A 1 15.88 4.57 -13.10
C GLY A 1 16.87 5.18 -12.12
N GLN A 2 16.74 4.83 -10.85
CA GLN A 2 17.63 5.37 -9.82
C GLN A 2 19.08 4.90 -10.09
N GLU A 3 19.64 4.07 -9.21
CA GLU A 3 21.01 3.59 -9.42
C GLU A 3 21.21 2.20 -8.80
N THR A 4 21.30 2.13 -7.47
CA THR A 4 21.48 0.84 -6.80
C THR A 4 20.48 -0.16 -7.34
N ARG A 5 19.41 0.40 -7.88
CA ARG A 5 18.30 -0.33 -8.48
C ARG A 5 18.41 -1.87 -8.35
N ALA A 6 19.02 -2.53 -9.34
CA ALA A 6 19.09 -3.98 -9.31
C ALA A 6 17.66 -4.55 -9.37
N GLY A 7 17.39 -5.58 -8.58
CA GLY A 7 16.05 -6.15 -8.56
C GLY A 7 15.04 -5.12 -8.03
N VAL A 8 13.85 -5.57 -7.65
CA VAL A 8 12.85 -4.65 -7.14
C VAL A 8 12.69 -3.47 -8.12
N VAL A 9 13.04 -3.75 -9.37
CA VAL A 9 12.99 -2.82 -10.54
C VAL A 9 12.46 -1.40 -10.24
N HIS A 10 12.99 -0.40 -10.96
CA HIS A 10 12.58 0.99 -10.78
C HIS A 10 11.10 1.18 -10.97
N GLY A 11 10.70 2.45 -11.07
CA GLY A 11 9.30 2.74 -11.14
C GLY A 11 8.76 2.34 -9.78
N ALA A 12 9.72 2.05 -8.88
CA ALA A 12 9.41 1.61 -7.53
C ALA A 12 10.30 2.26 -6.47
N ILE A 13 11.60 2.53 -6.67
CA ILE A 13 12.32 3.17 -5.56
C ILE A 13 11.72 4.56 -5.31
N GLY A 14 11.58 5.36 -6.37
CA GLY A 14 10.94 6.68 -6.25
C GLY A 14 9.48 6.42 -5.96
N GLY A 15 9.18 5.13 -6.19
CA GLY A 15 7.83 4.60 -6.13
C GLY A 15 7.54 3.56 -5.02
N ALA A 16 8.54 3.43 -4.14
CA ALA A 16 8.42 2.49 -3.04
C ALA A 16 7.63 3.21 -2.00
N GLY A 17 7.76 4.52 -2.08
CA GLY A 17 7.00 5.38 -1.24
C GLY A 17 5.59 5.28 -1.76
N VAL A 18 5.47 5.17 -3.08
CA VAL A 18 4.17 5.02 -3.70
C VAL A 18 3.56 3.68 -3.28
N THR A 19 4.43 2.64 -3.31
CA THR A 19 4.06 1.28 -2.91
C THR A 19 3.75 1.25 -1.43
N ALA A 20 4.68 1.79 -0.66
CA ALA A 20 4.48 1.86 0.78
C ALA A 20 3.20 2.67 0.99
N LEU A 21 3.06 3.77 0.29
CA LEU A 21 1.86 4.57 0.40
C LEU A 21 0.66 3.73 -0.06
N LEU A 22 0.83 2.98 -1.16
CA LEU A 22 -0.26 2.14 -1.67
C LEU A 22 -0.63 1.09 -0.62
N ALA A 23 0.38 0.50 0.03
CA ALA A 23 0.14 -0.49 1.05
C ALA A 23 -0.60 0.15 2.20
N LEU A 24 -0.15 1.34 2.58
CA LEU A 24 -0.79 2.10 3.64
C LEU A 24 -2.20 2.45 3.22
N CYS A 25 -2.37 2.85 1.95
CA CYS A 25 -3.70 3.18 1.44
C CYS A 25 -4.55 1.94 1.43
N LEU A 26 -3.99 0.82 0.99
CA LEU A 26 -4.72 -0.43 0.98
C LEU A 26 -5.05 -0.81 2.41
N CYS A 27 -4.14 -0.55 3.33
CA CYS A 27 -4.40 -0.85 4.73
C CYS A 27 -5.54 0.01 5.23
N LEU A 28 -5.49 1.30 4.91
CA LEU A 28 -6.52 2.23 5.33
C LEU A 28 -7.86 1.85 4.73
N ILE A 29 -7.88 1.54 3.42
CA ILE A 29 -9.11 1.15 2.78
C ILE A 29 -9.63 -0.14 3.39
N PHE A 30 -8.73 -1.08 3.61
CA PHE A 30 -9.11 -2.34 4.22
C PHE A 30 -9.66 -2.06 5.61
N PHE A 31 -8.94 -1.22 6.36
CA PHE A 31 -9.35 -0.84 7.70
C PHE A 31 -10.68 -0.09 7.70
N ILE A 32 -10.84 0.89 6.79
CA ILE A 32 -12.08 1.65 6.72
C ILE A 32 -13.21 0.74 6.29
N VAL A 33 -12.94 -0.09 5.28
CA VAL A 33 -13.93 -1.03 4.79
C VAL A 33 -14.29 -1.98 5.92
N LYS A 34 -13.30 -2.43 6.68
CA LYS A 34 -13.55 -3.34 7.77
C LYS A 34 -14.39 -2.69 8.86
N THR A 35 -14.11 -1.39 9.11
CA THR A 35 -14.80 -0.62 10.15
C THR A 35 -16.20 -0.18 9.73
N HIS A 36 -16.38 -0.10 8.41
CA HIS A 36 -17.64 0.38 7.83
C HIS A 36 -18.56 -0.80 7.64
N ARG A 37 -18.12 -1.69 6.75
CA ARG A 37 -18.87 -2.89 6.44
C ARG A 37 -19.18 -3.64 7.72
N ARG A 38 -20.21 -3.19 8.41
CA ARG A 38 -20.61 -3.79 9.66
C ARG A 38 -21.00 -5.24 9.43
N LYS A 39 -20.67 -6.08 10.40
CA LYS A 39 -21.02 -7.49 10.33
C LYS A 39 -22.51 -7.62 10.58
N ALA A 40 -23.13 -8.67 10.05
CA ALA A 40 -24.56 -8.85 10.27
C ALA A 40 -24.84 -9.10 11.74
N ALA A 41 -23.82 -8.89 12.57
CA ALA A 41 -23.93 -9.09 14.02
C ALA A 41 -24.66 -7.93 14.68
N ARG A 42 -25.08 -6.95 13.86
CA ARG A 42 -25.80 -5.73 14.31
C ARG A 42 -25.13 -4.50 13.70
N GLY A 1 21.42 16.36 -12.04
CA GLY A 1 21.78 15.60 -13.29
C GLY A 1 23.20 15.96 -13.70
N GLN A 2 23.43 17.22 -14.00
CA GLN A 2 24.75 17.68 -14.42
C GLN A 2 25.76 17.54 -13.28
N GLU A 3 25.33 17.86 -12.06
CA GLU A 3 26.21 17.77 -10.90
C GLU A 3 26.60 16.33 -10.59
N THR A 4 25.63 15.42 -10.66
CA THR A 4 25.89 14.01 -10.38
C THR A 4 25.22 13.11 -11.41
N ARG A 5 25.76 11.91 -11.58
CA ARG A 5 25.19 10.96 -12.53
C ARG A 5 23.79 10.55 -12.12
N ALA A 6 23.59 10.35 -10.81
CA ALA A 6 22.30 9.95 -10.29
C ALA A 6 21.27 11.05 -10.53
N GLY A 7 21.70 12.29 -10.38
CA GLY A 7 20.81 13.43 -10.58
C GLY A 7 19.92 13.66 -9.36
N VAL A 8 19.06 14.66 -9.44
CA VAL A 8 18.16 14.98 -8.34
C VAL A 8 17.21 13.82 -8.06
N VAL A 9 16.64 13.25 -9.12
CA VAL A 9 15.71 12.13 -8.99
C VAL A 9 16.21 10.93 -9.78
N HIS A 10 16.19 9.76 -9.14
CA HIS A 10 16.65 8.53 -9.79
C HIS A 10 15.46 7.61 -10.06
N GLY A 11 15.21 7.31 -11.33
CA GLY A 11 14.10 6.46 -11.71
C GLY A 11 14.29 5.03 -11.16
N ALA A 12 15.53 4.56 -11.16
CA ALA A 12 15.82 3.22 -10.68
C ALA A 12 15.51 3.08 -9.18
N ILE A 13 15.81 4.13 -8.42
CA ILE A 13 15.56 4.10 -6.98
C ILE A 13 14.58 5.22 -6.58
N GLY A 14 13.54 4.85 -5.85
CA GLY A 14 12.54 5.82 -5.41
C GLY A 14 11.13 5.28 -5.60
N GLY A 15 11.02 4.13 -6.25
CA GLY A 15 9.71 3.52 -6.48
C GLY A 15 9.31 2.65 -5.30
N ALA A 16 10.25 2.44 -4.38
CA ALA A 16 9.94 1.67 -3.18
C ALA A 16 9.04 2.51 -2.28
N GLY A 17 9.18 3.83 -2.41
CA GLY A 17 8.35 4.75 -1.62
C GLY A 17 6.90 4.66 -2.11
N VAL A 18 6.73 4.54 -3.42
CA VAL A 18 5.40 4.43 -4.00
C VAL A 18 4.73 3.16 -3.50
N THR A 19 5.47 2.07 -3.51
CA THR A 19 4.94 0.80 -3.05
C THR A 19 4.54 0.92 -1.57
N ALA A 20 5.41 1.53 -0.79
CA ALA A 20 5.11 1.71 0.63
C ALA A 20 3.82 2.53 0.79
N LEU A 21 3.70 3.62 0.03
CA LEU A 21 2.51 4.45 0.11
C LEU A 21 1.27 3.66 -0.32
N LEU A 22 1.40 2.88 -1.39
CA LEU A 22 0.26 2.09 -1.86
C LEU A 22 -0.16 1.09 -0.80
N ALA A 23 0.80 0.44 -0.15
CA ALA A 23 0.47 -0.53 0.90
C ALA A 23 -0.28 0.15 2.05
N LEU A 24 0.18 1.34 2.43
CA LEU A 24 -0.48 2.09 3.51
C LEU A 24 -1.91 2.46 3.12
N CYS A 25 -2.10 2.89 1.87
CA CYS A 25 -3.43 3.28 1.41
C CYS A 25 -4.36 2.07 1.42
N LEU A 26 -3.85 0.93 0.98
CA LEU A 26 -4.64 -0.30 0.96
C LEU A 26 -5.01 -0.70 2.39
N CYS A 27 -4.11 -0.56 3.34
CA CYS A 27 -4.44 -0.94 4.71
C CYS A 27 -5.57 -0.05 5.24
N LEU A 28 -5.51 1.24 4.91
CA LEU A 28 -6.53 2.17 5.36
C LEU A 28 -7.89 1.78 4.79
N ILE A 29 -7.94 1.41 3.51
CA ILE A 29 -9.19 1.01 2.88
C ILE A 29 -9.76 -0.24 3.54
N PHE A 30 -8.90 -1.21 3.80
CA PHE A 30 -9.33 -2.46 4.44
C PHE A 30 -9.88 -2.17 5.84
N PHE A 31 -9.19 -1.33 6.61
CA PHE A 31 -9.63 -0.98 7.96
C PHE A 31 -11.00 -0.28 7.92
N ILE A 32 -11.18 0.65 7.00
CA ILE A 32 -12.46 1.37 6.91
C ILE A 32 -13.60 0.41 6.55
N VAL A 33 -13.36 -0.48 5.59
CA VAL A 33 -14.40 -1.42 5.16
C VAL A 33 -14.80 -2.37 6.30
N LYS A 34 -13.80 -2.87 7.03
CA LYS A 34 -14.04 -3.78 8.13
C LYS A 34 -14.84 -3.11 9.24
N THR A 35 -14.53 -1.83 9.49
CA THR A 35 -15.22 -1.08 10.53
C THR A 35 -16.62 -0.66 10.10
N HIS A 36 -16.85 -0.61 8.79
CA HIS A 36 -18.15 -0.24 8.26
C HIS A 36 -19.08 -1.44 8.17
N ARG A 37 -18.49 -2.64 8.28
CA ARG A 37 -19.25 -3.89 8.20
C ARG A 37 -20.42 -3.76 7.22
N ARG A 38 -21.57 -3.32 7.73
CA ARG A 38 -22.76 -3.15 6.90
C ARG A 38 -23.34 -1.75 7.07
N LYS A 39 -23.94 -1.23 6.01
CA LYS A 39 -24.52 0.10 6.05
C LYS A 39 -25.67 0.15 7.06
N ALA A 40 -26.49 -0.90 7.07
CA ALA A 40 -27.61 -0.96 7.99
C ALA A 40 -27.72 -2.35 8.61
N ALA A 41 -28.15 -2.41 9.86
CA ALA A 41 -28.29 -3.68 10.56
C ALA A 41 -29.36 -4.54 9.88
N ARG A 42 -30.43 -3.90 9.43
CA ARG A 42 -31.51 -4.61 8.76
C ARG A 42 -31.10 -5.04 7.35
N GLY A 1 12.25 -14.23 -11.64
CA GLY A 1 10.99 -13.66 -12.21
C GLY A 1 11.26 -12.24 -12.70
N GLN A 2 11.89 -11.43 -11.87
CA GLN A 2 12.19 -10.06 -12.24
C GLN A 2 13.19 -10.03 -13.40
N GLU A 3 14.16 -10.93 -13.36
CA GLU A 3 15.17 -11.00 -14.41
C GLU A 3 14.52 -11.43 -15.73
N THR A 4 13.57 -12.36 -15.64
CA THR A 4 12.89 -12.85 -16.84
C THR A 4 11.79 -11.88 -17.26
N ARG A 5 11.30 -12.05 -18.48
CA ARG A 5 10.24 -11.18 -19.00
C ARG A 5 8.97 -11.36 -18.19
N ALA A 6 8.68 -12.60 -17.81
CA ALA A 6 7.47 -12.90 -17.03
C ALA A 6 7.83 -13.76 -15.82
N GLY A 7 7.06 -13.60 -14.75
CA GLY A 7 7.30 -14.37 -13.53
C GLY A 7 6.09 -14.32 -12.60
N VAL A 8 6.12 -15.14 -11.57
CA VAL A 8 5.02 -15.19 -10.61
C VAL A 8 4.87 -13.86 -9.89
N VAL A 9 5.99 -13.29 -9.45
CA VAL A 9 5.97 -12.00 -8.74
C VAL A 9 6.84 -10.98 -9.46
N HIS A 10 6.29 -9.77 -9.65
CA HIS A 10 7.02 -8.71 -10.32
C HIS A 10 7.31 -7.58 -9.34
N GLY A 11 8.48 -6.95 -9.48
CA GLY A 11 8.86 -5.86 -8.61
C GLY A 11 10.04 -5.08 -9.18
N ALA A 12 10.34 -3.93 -8.58
CA ALA A 12 11.45 -3.10 -9.03
C ALA A 12 12.22 -2.53 -7.85
N ILE A 13 13.52 -2.33 -8.04
CA ILE A 13 14.36 -1.79 -6.98
C ILE A 13 13.93 -0.38 -6.60
N GLY A 14 13.64 0.43 -7.62
CA GLY A 14 13.20 1.80 -7.37
C GLY A 14 11.71 1.87 -7.09
N GLY A 15 11.22 3.06 -6.77
CA GLY A 15 9.81 3.24 -6.47
C GLY A 15 9.40 2.46 -5.23
N ALA A 16 10.31 2.33 -4.28
CA ALA A 16 9.99 1.63 -3.05
C ALA A 16 9.07 2.50 -2.19
N GLY A 17 9.19 3.81 -2.36
CA GLY A 17 8.37 4.75 -1.61
C GLY A 17 6.91 4.71 -2.08
N VAL A 18 6.71 4.66 -3.39
CA VAL A 18 5.34 4.61 -3.92
C VAL A 18 4.66 3.33 -3.47
N THR A 19 5.39 2.22 -3.52
CA THR A 19 4.82 0.94 -3.09
C THR A 19 4.44 1.03 -1.62
N ALA A 20 5.33 1.59 -0.82
CA ALA A 20 5.05 1.74 0.61
C ALA A 20 3.78 2.56 0.81
N LEU A 21 3.67 3.68 0.09
CA LEU A 21 2.49 4.53 0.20
C LEU A 21 1.24 3.77 -0.24
N LEU A 22 1.35 3.02 -1.33
CA LEU A 22 0.20 2.26 -1.83
C LEU A 22 -0.23 1.22 -0.80
N ALA A 23 0.73 0.55 -0.17
CA ALA A 23 0.40 -0.46 0.83
C ALA A 23 -0.32 0.19 2.00
N LEU A 24 0.15 1.38 2.39
CA LEU A 24 -0.49 2.10 3.49
C LEU A 24 -1.92 2.47 3.12
N CYS A 25 -2.11 2.92 1.87
CA CYS A 25 -3.45 3.31 1.43
C CYS A 25 -4.38 2.09 1.42
N LEU A 26 -3.85 0.95 0.95
CA LEU A 26 -4.64 -0.28 0.92
C LEU A 26 -5.02 -0.72 2.33
N CYS A 27 -4.09 -0.61 3.29
CA CYS A 27 -4.42 -1.02 4.65
C CYS A 27 -5.53 -0.13 5.21
N LEU A 28 -5.45 1.17 4.93
CA LEU A 28 -6.46 2.09 5.42
C LEU A 28 -7.83 1.74 4.84
N ILE A 29 -7.88 1.42 3.55
CA ILE A 29 -9.16 1.08 2.92
C ILE A 29 -9.75 -0.18 3.56
N PHE A 30 -8.91 -1.17 3.78
CA PHE A 30 -9.38 -2.41 4.39
C PHE A 30 -9.91 -2.13 5.79
N PHE A 31 -9.21 -1.31 6.56
CA PHE A 31 -9.65 -0.98 7.92
C PHE A 31 -11.01 -0.29 7.87
N ILE A 32 -11.18 0.68 6.99
CA ILE A 32 -12.46 1.38 6.90
C ILE A 32 -13.56 0.40 6.51
N VAL A 33 -13.30 -0.47 5.54
CA VAL A 33 -14.30 -1.44 5.11
C VAL A 33 -14.70 -2.35 6.27
N LYS A 34 -13.73 -2.86 7.03
CA LYS A 34 -14.01 -3.74 8.16
C LYS A 34 -14.83 -3.05 9.24
N THR A 35 -14.52 -1.78 9.49
CA THR A 35 -15.23 -1.01 10.50
C THR A 35 -16.64 -0.68 10.06
N HIS A 36 -16.84 -0.67 8.75
CA HIS A 36 -18.16 -0.39 8.19
C HIS A 36 -19.02 -1.65 8.19
N ARG A 37 -18.37 -2.80 7.98
CA ARG A 37 -19.07 -4.07 7.96
C ARG A 37 -19.64 -4.40 9.34
N ARG A 38 -20.88 -4.85 9.36
CA ARG A 38 -21.54 -5.19 10.63
C ARG A 38 -22.12 -6.60 10.55
N LYS A 39 -22.09 -7.30 11.69
CA LYS A 39 -22.61 -8.67 11.75
C LYS A 39 -23.89 -8.72 12.57
N ALA A 40 -24.81 -9.60 12.16
CA ALA A 40 -26.08 -9.74 12.87
C ALA A 40 -25.86 -10.34 14.25
N ALA A 41 -26.65 -9.88 15.22
CA ALA A 41 -26.53 -10.38 16.59
C ALA A 41 -26.93 -11.85 16.67
N ARG A 42 -26.23 -12.61 17.50
CA ARG A 42 -26.52 -14.03 17.67
C ARG A 42 -26.38 -14.76 16.33
N GLY A 1 20.30 11.18 -18.79
CA GLY A 1 19.35 11.52 -17.71
C GLY A 1 19.67 10.71 -16.47
N GLN A 2 19.13 9.50 -16.38
CA GLN A 2 19.38 8.63 -15.23
C GLN A 2 19.60 7.19 -15.69
N GLU A 3 20.36 6.45 -14.90
CA GLU A 3 20.64 5.04 -15.22
C GLU A 3 19.38 4.19 -15.14
N THR A 4 18.52 4.49 -14.17
CA THR A 4 17.29 3.74 -13.99
C THR A 4 16.36 3.88 -15.19
N ARG A 5 16.37 5.05 -15.80
CA ARG A 5 15.52 5.30 -16.96
C ARG A 5 15.97 4.44 -18.14
N ALA A 6 17.29 4.28 -18.30
CA ALA A 6 17.84 3.48 -19.39
C ALA A 6 17.45 2.01 -19.26
N GLY A 7 17.41 1.52 -18.03
CA GLY A 7 17.07 0.13 -17.80
C GLY A 7 15.59 -0.14 -18.08
N VAL A 8 15.29 -1.37 -18.47
CA VAL A 8 13.92 -1.78 -18.77
C VAL A 8 13.03 -1.68 -17.53
N VAL A 9 13.54 -2.16 -16.40
CA VAL A 9 12.78 -2.15 -15.15
C VAL A 9 13.53 -1.40 -14.05
N HIS A 10 12.80 -0.54 -13.34
CA HIS A 10 13.39 0.25 -12.26
C HIS A 10 13.95 -0.66 -11.18
N GLY A 11 13.22 -1.72 -10.85
CA GLY A 11 13.66 -2.66 -9.82
C GLY A 11 12.80 -2.54 -8.56
N ALA A 12 12.96 -3.49 -7.65
CA ALA A 12 12.20 -3.48 -6.41
C ALA A 12 12.53 -2.24 -5.58
N ILE A 13 13.80 -1.85 -5.57
CA ILE A 13 14.20 -0.68 -4.79
C ILE A 13 13.58 0.60 -5.35
N GLY A 14 13.56 0.72 -6.67
CA GLY A 14 12.99 1.91 -7.30
C GLY A 14 11.50 1.99 -7.03
N GLY A 15 11.01 3.19 -6.74
CA GLY A 15 9.59 3.38 -6.46
C GLY A 15 9.18 2.58 -5.22
N ALA A 16 10.13 2.41 -4.31
CA ALA A 16 9.85 1.71 -3.06
C ALA A 16 8.94 2.57 -2.19
N GLY A 17 9.10 3.89 -2.30
CA GLY A 17 8.26 4.81 -1.54
C GLY A 17 6.84 4.73 -2.03
N VAL A 18 6.69 4.63 -3.36
CA VAL A 18 5.37 4.53 -3.96
C VAL A 18 4.69 3.26 -3.48
N THR A 19 5.44 2.17 -3.47
CA THR A 19 4.90 0.89 -3.03
C THR A 19 4.48 1.00 -1.56
N ALA A 20 5.35 1.61 -0.76
CA ALA A 20 5.05 1.78 0.66
C ALA A 20 3.76 2.59 0.81
N LEU A 21 3.64 3.68 0.05
CA LEU A 21 2.45 4.52 0.12
C LEU A 21 1.21 3.72 -0.31
N LEU A 22 1.33 2.94 -1.38
CA LEU A 22 0.21 2.14 -1.85
C LEU A 22 -0.22 1.12 -0.78
N ALA A 23 0.74 0.48 -0.11
CA ALA A 23 0.41 -0.49 0.92
C ALA A 23 -0.33 0.17 2.08
N LEU A 24 0.13 1.36 2.47
CA LEU A 24 -0.53 2.07 3.56
C LEU A 24 -1.97 2.43 3.16
N CYS A 25 -2.14 2.84 1.92
CA CYS A 25 -3.48 3.19 1.44
C CYS A 25 -4.38 1.96 1.46
N LEU A 26 -3.85 0.82 1.04
CA LEU A 26 -4.62 -0.41 1.03
C LEU A 26 -5.00 -0.82 2.45
N CYS A 27 -4.10 -0.66 3.41
CA CYS A 27 -4.44 -1.02 4.78
C CYS A 27 -5.56 -0.12 5.30
N LEU A 28 -5.48 1.17 4.96
CA LEU A 28 -6.50 2.11 5.40
C LEU A 28 -7.85 1.74 4.81
N ILE A 29 -7.90 1.38 3.54
CA ILE A 29 -9.17 1.00 2.91
C ILE A 29 -9.74 -0.25 3.57
N PHE A 30 -8.88 -1.24 3.81
CA PHE A 30 -9.31 -2.48 4.44
C PHE A 30 -9.89 -2.19 5.83
N PHE A 31 -9.17 -1.39 6.60
CA PHE A 31 -9.63 -1.03 7.94
C PHE A 31 -10.97 -0.32 7.88
N ILE A 32 -11.11 0.65 6.97
CA ILE A 32 -12.38 1.39 6.86
C ILE A 32 -13.51 0.46 6.46
N VAL A 33 -13.26 -0.40 5.49
CA VAL A 33 -14.28 -1.33 5.02
C VAL A 33 -14.69 -2.28 6.13
N LYS A 34 -13.69 -2.81 6.85
CA LYS A 34 -13.94 -3.74 7.92
C LYS A 34 -14.73 -3.08 9.05
N THR A 35 -14.37 -1.83 9.37
CA THR A 35 -15.04 -1.08 10.43
C THR A 35 -16.45 -0.65 10.01
N HIS A 36 -16.67 -0.51 8.70
CA HIS A 36 -17.99 -0.12 8.20
C HIS A 36 -18.91 -1.33 8.13
N ARG A 37 -18.35 -2.50 7.84
CA ARG A 37 -19.16 -3.71 7.77
C ARG A 37 -19.18 -4.39 9.13
N ARG A 38 -20.35 -4.91 9.52
CA ARG A 38 -20.49 -5.57 10.81
C ARG A 38 -19.77 -6.92 10.81
N LYS A 39 -19.21 -7.29 11.96
CA LYS A 39 -18.48 -8.56 12.07
C LYS A 39 -19.40 -9.74 11.81
N ALA A 40 -20.62 -9.69 12.35
CA ALA A 40 -21.59 -10.78 12.16
C ALA A 40 -22.07 -10.81 10.73
N ALA A 41 -22.32 -12.02 10.20
CA ALA A 41 -22.79 -12.15 8.83
C ALA A 41 -24.20 -11.59 8.68
N ARG A 42 -24.47 -11.01 7.52
CA ARG A 42 -25.78 -10.43 7.26
C ARG A 42 -26.19 -9.50 8.40
N GLY A 1 15.74 -20.32 6.39
CA GLY A 1 14.96 -19.23 5.74
C GLY A 1 15.46 -17.87 6.20
N GLN A 2 16.78 -17.75 6.40
CA GLN A 2 17.36 -16.49 6.83
C GLN A 2 17.18 -15.43 5.74
N GLU A 3 17.36 -15.84 4.49
CA GLU A 3 17.22 -14.91 3.37
C GLU A 3 16.45 -15.56 2.23
N THR A 4 15.67 -14.74 1.51
CA THR A 4 14.88 -15.24 0.39
C THR A 4 15.04 -14.31 -0.82
N ARG A 5 14.77 -14.85 -2.00
CA ARG A 5 14.87 -14.09 -3.23
C ARG A 5 13.53 -14.12 -3.97
N ALA A 6 13.01 -12.95 -4.34
CA ALA A 6 11.72 -12.88 -5.03
C ALA A 6 11.77 -13.61 -6.36
N GLY A 7 12.87 -13.47 -7.07
CA GLY A 7 13.04 -14.12 -8.36
C GLY A 7 14.41 -13.80 -8.94
N VAL A 8 14.69 -14.31 -10.13
CA VAL A 8 15.97 -14.07 -10.78
C VAL A 8 16.17 -12.59 -11.06
N VAL A 9 15.12 -11.95 -11.58
CA VAL A 9 15.20 -10.52 -11.91
C VAL A 9 14.01 -9.76 -11.33
N HIS A 10 14.30 -8.61 -10.73
CA HIS A 10 13.25 -7.78 -10.15
C HIS A 10 12.34 -7.22 -11.25
N GLY A 11 12.96 -6.81 -12.35
CA GLY A 11 12.21 -6.25 -13.48
C GLY A 11 11.91 -4.77 -13.26
N ALA A 12 12.39 -4.25 -12.14
CA ALA A 12 12.17 -2.84 -11.82
C ALA A 12 13.12 -2.39 -10.71
N ILE A 13 13.38 -1.09 -10.64
CA ILE A 13 14.28 -0.54 -9.62
C ILE A 13 13.60 0.58 -8.85
N GLY A 14 14.03 0.79 -7.61
CA GLY A 14 13.47 1.85 -6.78
C GLY A 14 11.96 1.66 -6.60
N GLY A 15 11.23 2.78 -6.65
CA GLY A 15 9.78 2.73 -6.50
C GLY A 15 9.40 2.09 -5.17
N ALA A 16 10.24 2.35 -4.18
CA ALA A 16 9.99 1.80 -2.85
C ALA A 16 9.02 2.70 -2.07
N GLY A 17 9.09 4.01 -2.32
CA GLY A 17 8.19 4.95 -1.64
C GLY A 17 6.76 4.82 -2.14
N VAL A 18 6.60 4.68 -3.45
CA VAL A 18 5.26 4.55 -4.02
C VAL A 18 4.61 3.26 -3.50
N THR A 19 5.38 2.19 -3.48
CA THR A 19 4.88 0.92 -2.98
C THR A 19 4.48 1.05 -1.52
N ALA A 20 5.32 1.71 -0.74
CA ALA A 20 5.03 1.91 0.67
C ALA A 20 3.74 2.71 0.83
N LEU A 21 3.62 3.80 0.08
CA LEU A 21 2.40 4.62 0.16
C LEU A 21 1.18 3.82 -0.29
N LEU A 22 1.32 3.04 -1.36
CA LEU A 22 0.19 2.26 -1.85
C LEU A 22 -0.24 1.23 -0.81
N ALA A 23 0.73 0.58 -0.16
CA ALA A 23 0.41 -0.42 0.85
C ALA A 23 -0.33 0.23 2.02
N LEU A 24 0.12 1.41 2.42
CA LEU A 24 -0.54 2.11 3.52
C LEU A 24 -1.98 2.48 3.13
N CYS A 25 -2.17 2.94 1.90
CA CYS A 25 -3.51 3.30 1.45
C CYS A 25 -4.42 2.06 1.42
N LEU A 26 -3.88 0.93 0.97
CA LEU A 26 -4.63 -0.32 0.91
C LEU A 26 -5.03 -0.79 2.31
N CYS A 27 -4.13 -0.67 3.30
CA CYS A 27 -4.47 -1.09 4.65
C CYS A 27 -5.58 -0.21 5.22
N LEU A 28 -5.47 1.09 4.96
CA LEU A 28 -6.46 2.04 5.46
C LEU A 28 -7.85 1.75 4.88
N ILE A 29 -7.91 1.48 3.59
CA ILE A 29 -9.19 1.18 2.96
C ILE A 29 -9.79 -0.10 3.54
N PHE A 30 -8.96 -1.11 3.70
CA PHE A 30 -9.41 -2.39 4.26
C PHE A 30 -9.94 -2.17 5.68
N PHE A 31 -9.21 -1.41 6.48
CA PHE A 31 -9.63 -1.13 7.85
C PHE A 31 -10.97 -0.39 7.87
N ILE A 32 -11.11 0.61 7.02
CA ILE A 32 -12.36 1.37 6.97
C ILE A 32 -13.51 0.46 6.54
N VAL A 33 -13.28 -0.36 5.53
CA VAL A 33 -14.30 -1.27 5.04
C VAL A 33 -14.71 -2.25 6.14
N LYS A 34 -13.72 -2.81 6.82
CA LYS A 34 -13.95 -3.78 7.88
C LYS A 34 -14.73 -3.16 9.06
N THR A 35 -14.37 -1.93 9.42
CA THR A 35 -15.02 -1.22 10.52
C THR A 35 -16.42 -0.77 10.14
N HIS A 36 -16.64 -0.60 8.84
CA HIS A 36 -17.95 -0.19 8.34
C HIS A 36 -18.86 -1.41 8.25
N ARG A 37 -18.27 -2.55 7.90
CA ARG A 37 -19.03 -3.79 7.77
C ARG A 37 -19.53 -4.27 9.13
N ARG A 38 -20.82 -4.60 9.18
CA ARG A 38 -21.42 -5.09 10.41
C ARG A 38 -21.96 -6.50 10.22
N LYS A 39 -21.53 -7.41 11.09
CA LYS A 39 -21.98 -8.79 11.02
C LYS A 39 -22.37 -9.29 12.42
N ALA A 40 -23.46 -10.04 12.50
CA ALA A 40 -23.92 -10.55 13.79
C ALA A 40 -24.24 -9.39 14.75
N ALA A 41 -25.48 -9.34 15.22
CA ALA A 41 -25.89 -8.26 16.12
C ALA A 41 -25.18 -8.38 17.46
N ARG A 42 -24.83 -7.24 18.06
CA ARG A 42 -24.15 -7.24 19.35
C ARG A 42 -25.16 -7.41 20.48
N GLY A 1 37.49 18.46 -5.19
CA GLY A 1 36.03 18.20 -5.38
C GLY A 1 35.83 16.78 -5.89
N GLN A 2 34.62 16.25 -5.70
CA GLN A 2 34.31 14.90 -6.16
C GLN A 2 32.92 14.84 -6.77
N GLU A 3 32.70 13.83 -7.62
CA GLU A 3 31.41 13.66 -8.28
C GLU A 3 30.84 12.28 -7.98
N THR A 4 29.52 12.22 -7.80
CA THR A 4 28.86 10.95 -7.52
C THR A 4 27.81 10.62 -8.59
N ARG A 5 27.89 9.40 -9.13
CA ARG A 5 26.96 8.96 -10.16
C ARG A 5 26.25 7.68 -9.74
N ALA A 6 24.94 7.65 -9.92
CA ALA A 6 24.15 6.47 -9.56
C ALA A 6 23.32 6.00 -10.75
N GLY A 7 23.25 4.68 -10.93
CA GLY A 7 22.49 4.11 -12.03
C GLY A 7 21.06 3.78 -11.62
N VAL A 8 20.72 4.10 -10.37
CA VAL A 8 19.39 3.83 -9.85
C VAL A 8 18.74 5.11 -9.34
N VAL A 9 17.49 5.34 -9.73
CA VAL A 9 16.76 6.54 -9.32
C VAL A 9 15.37 6.19 -8.82
N HIS A 10 14.76 7.12 -8.08
CA HIS A 10 13.42 6.89 -7.53
C HIS A 10 12.41 7.79 -8.24
N GLY A 11 11.49 7.17 -8.98
CA GLY A 11 10.46 7.92 -9.69
C GLY A 11 9.08 7.61 -9.14
N ALA A 12 8.06 8.15 -9.80
CA ALA A 12 6.68 7.93 -9.36
C ALA A 12 6.31 6.45 -9.48
N ILE A 13 6.80 5.83 -10.55
CA ILE A 13 6.52 4.42 -10.80
C ILE A 13 7.80 3.58 -10.68
N GLY A 14 7.71 2.47 -9.96
CA GLY A 14 8.86 1.61 -9.76
C GLY A 14 9.70 2.08 -8.58
N GLY A 15 9.07 2.82 -7.67
CA GLY A 15 9.75 3.33 -6.48
C GLY A 15 9.37 2.52 -5.24
N ALA A 16 10.30 2.44 -4.30
CA ALA A 16 10.04 1.73 -3.06
C ALA A 16 9.13 2.57 -2.15
N GLY A 17 9.28 3.90 -2.25
CA GLY A 17 8.44 4.80 -1.45
C GLY A 17 7.01 4.71 -1.95
N VAL A 18 6.85 4.58 -3.26
CA VAL A 18 5.52 4.48 -3.85
C VAL A 18 4.84 3.19 -3.36
N THR A 19 5.57 2.09 -3.37
CA THR A 19 5.01 0.84 -2.89
C THR A 19 4.58 0.99 -1.43
N ALA A 20 5.40 1.68 -0.65
CA ALA A 20 5.05 1.90 0.75
C ALA A 20 3.73 2.69 0.86
N LEU A 21 3.59 3.77 0.09
CA LEU A 21 2.37 4.59 0.13
C LEU A 21 1.14 3.79 -0.30
N LEU A 22 1.26 3.00 -1.37
CA LEU A 22 0.12 2.21 -1.83
C LEU A 22 -0.29 1.18 -0.78
N ALA A 23 0.67 0.52 -0.15
CA ALA A 23 0.36 -0.49 0.85
C ALA A 23 -0.36 0.16 2.04
N LEU A 24 0.11 1.34 2.43
CA LEU A 24 -0.53 2.06 3.54
C LEU A 24 -1.96 2.43 3.14
N CYS A 25 -2.14 2.89 1.91
CA CYS A 25 -3.46 3.27 1.45
C CYS A 25 -4.39 2.05 1.44
N LEU A 26 -3.87 0.92 0.98
CA LEU A 26 -4.64 -0.32 0.95
C LEU A 26 -5.01 -0.76 2.36
N CYS A 27 -4.11 -0.63 3.32
CA CYS A 27 -4.43 -1.05 4.68
C CYS A 27 -5.54 -0.17 5.25
N LEU A 28 -5.46 1.13 4.98
CA LEU A 28 -6.46 2.06 5.47
C LEU A 28 -7.83 1.72 4.87
N ILE A 29 -7.86 1.40 3.58
CA ILE A 29 -9.13 1.06 2.93
C ILE A 29 -9.72 -0.20 3.56
N PHE A 30 -8.87 -1.19 3.78
CA PHE A 30 -9.32 -2.43 4.41
C PHE A 30 -9.90 -2.13 5.79
N PHE A 31 -9.18 -1.31 6.56
CA PHE A 31 -9.63 -0.94 7.90
C PHE A 31 -10.98 -0.23 7.85
N ILE A 32 -11.14 0.71 6.92
CA ILE A 32 -12.41 1.43 6.81
C ILE A 32 -13.53 0.46 6.42
N VAL A 33 -13.23 -0.43 5.47
CA VAL A 33 -14.23 -1.39 5.03
C VAL A 33 -14.63 -2.31 6.17
N LYS A 34 -13.65 -2.80 6.93
CA LYS A 34 -13.92 -3.71 8.03
C LYS A 34 -14.76 -3.03 9.11
N THR A 35 -14.41 -1.78 9.43
CA THR A 35 -15.13 -1.04 10.46
C THR A 35 -16.56 -0.69 10.00
N HIS A 36 -16.77 -0.63 8.70
CA HIS A 36 -18.10 -0.33 8.17
C HIS A 36 -18.95 -1.60 8.16
N ARG A 37 -18.32 -2.73 7.92
CA ARG A 37 -19.03 -4.00 7.89
C ARG A 37 -19.62 -4.31 9.27
N ARG A 38 -18.84 -4.05 10.31
CA ARG A 38 -19.30 -4.32 11.68
C ARG A 38 -20.09 -3.13 12.23
N LYS A 39 -21.17 -3.44 12.93
CA LYS A 39 -22.03 -2.41 13.49
C LYS A 39 -21.28 -1.58 14.53
N ALA A 40 -20.51 -2.27 15.37
CA ALA A 40 -19.73 -1.61 16.41
C ALA A 40 -20.49 -0.43 17.03
N ALA A 41 -19.78 0.42 17.74
CA ALA A 41 -20.41 1.57 18.40
C ALA A 41 -20.88 2.60 17.37
N ARG A 42 -22.02 3.21 17.65
CA ARG A 42 -22.58 4.21 16.75
C ARG A 42 -21.90 5.56 16.95
N GLY A 1 26.66 -15.56 -12.02
CA GLY A 1 26.14 -14.70 -10.91
C GLY A 1 25.36 -13.53 -11.49
N GLN A 2 26.04 -12.40 -11.66
CA GLN A 2 25.40 -11.20 -12.21
C GLN A 2 25.90 -10.95 -13.63
N GLU A 3 24.95 -10.74 -14.54
CA GLU A 3 25.29 -10.48 -15.94
C GLU A 3 24.49 -9.30 -16.47
N THR A 4 25.11 -8.53 -17.37
CA THR A 4 24.45 -7.37 -17.95
C THR A 4 23.22 -7.80 -18.75
N ARG A 5 23.38 -8.85 -19.55
CA ARG A 5 22.29 -9.34 -20.37
C ARG A 5 21.13 -9.82 -19.48
N ALA A 6 21.48 -10.53 -18.41
CA ALA A 6 20.47 -11.04 -17.50
C ALA A 6 19.72 -9.89 -16.82
N GLY A 7 20.46 -8.84 -16.49
CA GLY A 7 19.87 -7.67 -15.84
C GLY A 7 20.92 -6.57 -15.62
N VAL A 8 20.48 -5.47 -15.03
CA VAL A 8 21.38 -4.34 -14.77
C VAL A 8 21.39 -4.02 -13.28
N VAL A 9 22.58 -3.84 -12.72
CA VAL A 9 22.71 -3.54 -11.29
C VAL A 9 22.06 -2.20 -10.96
N HIS A 10 22.31 -1.19 -11.77
CA HIS A 10 21.75 0.13 -11.53
C HIS A 10 20.26 0.18 -11.85
N GLY A 11 19.49 0.76 -10.94
CA GLY A 11 18.04 0.86 -11.14
C GLY A 11 17.35 -0.45 -10.80
N ALA A 12 18.06 -1.34 -10.13
CA ALA A 12 17.50 -2.64 -9.75
C ALA A 12 16.35 -2.44 -8.77
N ILE A 13 16.52 -1.49 -7.85
CA ILE A 13 15.49 -1.21 -6.86
C ILE A 13 15.04 0.25 -6.96
N GLY A 14 13.73 0.46 -7.04
CA GLY A 14 13.20 1.81 -7.15
C GLY A 14 11.69 1.82 -6.91
N GLY A 15 11.14 3.01 -6.68
CA GLY A 15 9.71 3.16 -6.46
C GLY A 15 9.30 2.46 -5.17
N ALA A 16 10.23 2.40 -4.22
CA ALA A 16 9.94 1.80 -2.93
C ALA A 16 8.99 2.68 -2.13
N GLY A 17 9.10 4.00 -2.29
CA GLY A 17 8.22 4.92 -1.60
C GLY A 17 6.79 4.77 -2.11
N VAL A 18 6.65 4.60 -3.43
CA VAL A 18 5.34 4.44 -4.02
C VAL A 18 4.68 3.17 -3.49
N THR A 19 5.47 2.09 -3.45
CA THR A 19 4.96 0.82 -2.95
C THR A 19 4.52 0.97 -1.50
N ALA A 20 5.38 1.62 -0.72
CA ALA A 20 5.06 1.83 0.69
C ALA A 20 3.77 2.64 0.83
N LEU A 21 3.64 3.72 0.07
CA LEU A 21 2.44 4.55 0.14
C LEU A 21 1.22 3.75 -0.31
N LEU A 22 1.34 2.97 -1.38
CA LEU A 22 0.22 2.18 -1.86
C LEU A 22 -0.21 1.16 -0.81
N ALA A 23 0.76 0.52 -0.16
CA ALA A 23 0.43 -0.47 0.86
C ALA A 23 -0.31 0.19 2.02
N LEU A 24 0.15 1.38 2.41
CA LEU A 24 -0.51 2.11 3.49
C LEU A 24 -1.94 2.46 3.09
N CYS A 25 -2.13 2.90 1.86
CA CYS A 25 -3.47 3.26 1.39
C CYS A 25 -4.39 2.05 1.39
N LEU A 26 -3.86 0.91 0.92
CA LEU A 26 -4.65 -0.32 0.88
C LEU A 26 -5.02 -0.78 2.28
N CYS A 27 -4.10 -0.66 3.24
CA CYS A 27 -4.41 -1.08 4.61
C CYS A 27 -5.51 -0.19 5.18
N LEU A 28 -5.42 1.11 4.91
CA LEU A 28 -6.41 2.05 5.42
C LEU A 28 -7.79 1.71 4.85
N ILE A 29 -7.87 1.41 3.56
CA ILE A 29 -9.14 1.08 2.94
C ILE A 29 -9.73 -0.17 3.57
N PHE A 30 -8.90 -1.18 3.77
CA PHE A 30 -9.35 -2.42 4.39
C PHE A 30 -9.90 -2.15 5.80
N PHE A 31 -9.17 -1.37 6.58
CA PHE A 31 -9.61 -1.04 7.93
C PHE A 31 -10.97 -0.32 7.90
N ILE A 32 -11.12 0.68 7.03
CA ILE A 32 -12.40 1.40 6.97
C ILE A 32 -13.54 0.46 6.56
N VAL A 33 -13.32 -0.35 5.52
CA VAL A 33 -14.37 -1.25 5.07
C VAL A 33 -14.77 -2.23 6.17
N LYS A 34 -13.78 -2.81 6.86
CA LYS A 34 -14.05 -3.76 7.93
C LYS A 34 -14.83 -3.10 9.07
N THR A 35 -14.44 -1.88 9.42
CA THR A 35 -15.11 -1.15 10.49
C THR A 35 -16.52 -0.73 10.09
N HIS A 36 -16.75 -0.56 8.79
CA HIS A 36 -18.08 -0.21 8.30
C HIS A 36 -18.96 -1.45 8.30
N ARG A 37 -18.36 -2.60 8.02
CA ARG A 37 -19.10 -3.86 8.00
C ARG A 37 -19.67 -4.14 9.39
N ARG A 38 -18.85 -3.91 10.41
CA ARG A 38 -19.28 -4.14 11.79
C ARG A 38 -20.45 -3.23 12.13
N LYS A 39 -20.36 -1.96 11.73
CA LYS A 39 -21.43 -1.01 12.02
C LYS A 39 -22.72 -1.43 11.30
N ALA A 40 -22.57 -1.87 10.05
CA ALA A 40 -23.73 -2.30 9.26
C ALA A 40 -24.38 -3.52 9.90
N ALA A 41 -23.56 -4.41 10.44
CA ALA A 41 -24.06 -5.62 11.07
C ALA A 41 -24.73 -6.53 10.05
N ARG A 42 -24.85 -6.05 8.82
CA ARG A 42 -25.48 -6.83 7.75
C ARG A 42 -24.49 -7.85 7.20
N GLY A 1 28.35 6.60 12.99
CA GLY A 1 27.08 7.34 13.29
C GLY A 1 25.98 6.87 12.34
N GLN A 2 24.75 7.29 12.62
CA GLN A 2 23.63 6.90 11.78
C GLN A 2 23.77 7.48 10.38
N GLU A 3 24.25 8.72 10.30
CA GLU A 3 24.44 9.37 9.00
C GLU A 3 25.53 8.67 8.20
N THR A 4 26.58 8.24 8.90
CA THR A 4 27.69 7.56 8.24
C THR A 4 27.23 6.21 7.69
N ARG A 5 26.30 5.58 8.39
CA ARG A 5 25.78 4.28 7.97
C ARG A 5 25.11 4.40 6.60
N ALA A 6 24.33 5.46 6.42
CA ALA A 6 23.63 5.67 5.16
C ALA A 6 22.85 4.42 4.76
N GLY A 7 22.69 4.23 3.46
CA GLY A 7 21.95 3.07 2.95
C GLY A 7 20.44 3.29 3.05
N VAL A 8 20.05 4.55 3.21
CA VAL A 8 18.63 4.88 3.32
C VAL A 8 17.90 4.51 2.04
N VAL A 9 18.51 4.82 0.90
CA VAL A 9 17.91 4.53 -0.40
C VAL A 9 18.85 3.65 -1.23
N HIS A 10 18.29 2.57 -1.80
CA HIS A 10 19.07 1.66 -2.61
C HIS A 10 18.60 1.69 -4.07
N GLY A 11 19.56 1.58 -4.99
CA GLY A 11 19.24 1.60 -6.41
C GLY A 11 18.73 0.24 -6.88
N ALA A 12 18.77 -0.74 -5.98
CA ALA A 12 18.32 -2.08 -6.31
C ALA A 12 16.82 -2.07 -6.65
N ILE A 13 16.06 -1.27 -5.92
CA ILE A 13 14.62 -1.17 -6.14
C ILE A 13 14.19 0.27 -6.30
N GLY A 14 13.45 0.56 -7.36
CA GLY A 14 12.99 1.92 -7.62
C GLY A 14 11.51 2.07 -7.26
N GLY A 15 11.13 3.25 -6.79
CA GLY A 15 9.74 3.51 -6.43
C GLY A 15 9.33 2.67 -5.21
N ALA A 16 10.27 2.40 -4.33
CA ALA A 16 9.93 1.66 -3.12
C ALA A 16 9.03 2.51 -2.23
N GLY A 17 9.18 3.82 -2.34
CA GLY A 17 8.35 4.73 -1.57
C GLY A 17 6.91 4.67 -2.05
N VAL A 18 6.74 4.59 -3.37
CA VAL A 18 5.41 4.50 -3.95
C VAL A 18 4.71 3.23 -3.47
N THR A 19 5.46 2.13 -3.50
CA THR A 19 4.91 0.86 -3.06
C THR A 19 4.51 0.95 -1.59
N ALA A 20 5.38 1.55 -0.79
CA ALA A 20 5.09 1.70 0.63
C ALA A 20 3.81 2.53 0.81
N LEU A 21 3.71 3.63 0.07
CA LEU A 21 2.52 4.48 0.17
C LEU A 21 1.27 3.73 -0.28
N LEU A 22 1.39 2.96 -1.37
CA LEU A 22 0.25 2.19 -1.86
C LEU A 22 -0.18 1.17 -0.82
N ALA A 23 0.78 0.51 -0.18
CA ALA A 23 0.46 -0.48 0.84
C ALA A 23 -0.28 0.19 2.00
N LEU A 24 0.20 1.37 2.40
CA LEU A 24 -0.43 2.10 3.48
C LEU A 24 -1.86 2.50 3.10
N CYS A 25 -2.04 2.95 1.85
CA CYS A 25 -3.37 3.35 1.39
C CYS A 25 -4.31 2.15 1.36
N LEU A 26 -3.80 1.01 0.91
CA LEU A 26 -4.59 -0.22 0.85
C LEU A 26 -4.96 -0.69 2.25
N CYS A 27 -4.07 -0.59 3.22
CA CYS A 27 -4.40 -1.02 4.58
C CYS A 27 -5.51 -0.14 5.16
N LEU A 28 -5.44 1.17 4.88
CA LEU A 28 -6.45 2.09 5.40
C LEU A 28 -7.83 1.73 4.83
N ILE A 29 -7.88 1.38 3.56
CA ILE A 29 -9.15 1.02 2.93
C ILE A 29 -9.73 -0.23 3.61
N PHE A 30 -8.90 -1.22 3.87
CA PHE A 30 -9.38 -2.43 4.53
C PHE A 30 -9.94 -2.14 5.92
N PHE A 31 -9.26 -1.30 6.70
CA PHE A 31 -9.75 -0.97 8.04
C PHE A 31 -11.10 -0.27 7.94
N ILE A 32 -11.25 0.64 7.00
CA ILE A 32 -12.51 1.36 6.84
C ILE A 32 -13.63 0.39 6.48
N VAL A 33 -13.35 -0.52 5.54
CA VAL A 33 -14.35 -1.49 5.12
C VAL A 33 -14.77 -2.40 6.27
N LYS A 34 -13.79 -2.88 7.04
CA LYS A 34 -14.06 -3.78 8.17
C LYS A 34 -14.88 -3.08 9.26
N THR A 35 -14.56 -1.81 9.51
CA THR A 35 -15.26 -1.04 10.53
C THR A 35 -16.68 -0.67 10.09
N HIS A 36 -16.88 -0.61 8.77
CA HIS A 36 -18.18 -0.30 8.22
C HIS A 36 -19.06 -1.55 8.20
N ARG A 37 -18.42 -2.69 7.96
CA ARG A 37 -19.14 -3.97 7.92
C ARG A 37 -19.77 -4.26 9.27
N ARG A 38 -19.00 -4.02 10.34
CA ARG A 38 -19.50 -4.27 11.70
C ARG A 38 -19.48 -2.98 12.51
N LYS A 39 -20.61 -2.68 13.15
CA LYS A 39 -20.73 -1.48 13.96
C LYS A 39 -19.86 -1.60 15.21
N ALA A 40 -19.10 -0.55 15.52
CA ALA A 40 -18.24 -0.55 16.68
C ALA A 40 -18.30 0.80 17.40
N ALA A 41 -18.21 0.76 18.73
CA ALA A 41 -18.24 1.99 19.51
C ALA A 41 -17.05 2.87 19.19
N ARG A 42 -15.89 2.24 18.98
CA ARG A 42 -14.67 2.98 18.66
C ARG A 42 -14.41 2.97 17.16
N GLY A 1 15.66 20.81 -1.08
CA GLY A 1 16.51 20.54 -2.27
C GLY A 1 17.84 19.95 -1.83
N GLN A 2 18.62 20.73 -1.08
CA GLN A 2 19.92 20.29 -0.62
C GLN A 2 19.89 19.97 0.88
N GLU A 3 20.30 18.77 1.23
CA GLU A 3 20.35 18.34 2.62
C GLU A 3 21.65 17.62 2.90
N THR A 4 22.25 17.92 4.04
CA THR A 4 23.52 17.31 4.42
C THR A 4 23.29 16.27 5.50
N ARG A 5 22.04 16.11 5.92
CA ARG A 5 21.71 15.15 6.97
C ARG A 5 22.02 13.73 6.51
N ALA A 6 21.74 13.47 5.23
CA ALA A 6 22.01 12.15 4.65
C ALA A 6 22.30 12.29 3.16
N GLY A 7 23.14 11.40 2.63
CA GLY A 7 23.49 11.44 1.21
C GLY A 7 22.30 11.01 0.36
N VAL A 8 22.19 11.59 -0.84
CA VAL A 8 21.11 11.26 -1.75
C VAL A 8 21.65 10.73 -3.07
N VAL A 9 21.09 9.61 -3.53
CA VAL A 9 21.52 9.00 -4.77
C VAL A 9 20.38 8.94 -5.77
N HIS A 10 20.64 9.38 -6.98
CA HIS A 10 19.64 9.40 -8.03
C HIS A 10 19.60 8.05 -8.77
N GLY A 11 20.57 7.20 -8.48
CA GLY A 11 20.63 5.89 -9.12
C GLY A 11 19.41 5.05 -8.75
N ALA A 12 18.99 5.13 -7.49
CA ALA A 12 17.85 4.35 -7.01
C ALA A 12 16.56 4.83 -7.67
N ILE A 13 15.67 3.89 -8.00
CA ILE A 13 14.41 4.24 -8.65
C ILE A 13 13.54 5.09 -7.73
N GLY A 14 13.48 4.71 -6.46
CA GLY A 14 12.67 5.42 -5.48
C GLY A 14 11.22 4.97 -5.52
N GLY A 15 10.98 3.87 -6.23
CA GLY A 15 9.64 3.32 -6.35
C GLY A 15 9.25 2.52 -5.11
N ALA A 16 10.18 2.40 -4.18
CA ALA A 16 9.88 1.71 -2.94
C ALA A 16 8.94 2.57 -2.11
N GLY A 17 9.06 3.89 -2.28
CA GLY A 17 8.20 4.82 -1.58
C GLY A 17 6.77 4.72 -2.08
N VAL A 18 6.63 4.61 -3.39
CA VAL A 18 5.31 4.49 -3.99
C VAL A 18 4.64 3.20 -3.52
N THR A 19 5.40 2.12 -3.54
CA THR A 19 4.87 0.84 -3.10
C THR A 19 4.49 0.92 -1.63
N ALA A 20 5.33 1.60 -0.84
CA ALA A 20 5.04 1.76 0.58
C ALA A 20 3.75 2.57 0.75
N LEU A 21 3.61 3.66 -0.02
CA LEU A 21 2.38 4.48 0.07
C LEU A 21 1.18 3.64 -0.34
N LEU A 22 1.32 2.83 -1.39
CA LEU A 22 0.22 1.98 -1.84
C LEU A 22 -0.19 1.00 -0.74
N ALA A 23 0.80 0.42 -0.05
CA ALA A 23 0.49 -0.53 1.02
C ALA A 23 -0.29 0.17 2.14
N LEU A 24 0.14 1.39 2.49
CA LEU A 24 -0.56 2.15 3.53
C LEU A 24 -1.98 2.49 3.12
N CYS A 25 -2.16 2.88 1.86
CA CYS A 25 -3.50 3.23 1.38
C CYS A 25 -4.41 2.01 1.39
N LEU A 26 -3.86 0.88 0.95
CA LEU A 26 -4.62 -0.36 0.92
C LEU A 26 -5.00 -0.78 2.34
N CYS A 27 -4.09 -0.64 3.29
CA CYS A 27 -4.42 -1.02 4.66
C CYS A 27 -5.55 -0.14 5.21
N LEU A 28 -5.47 1.15 4.92
CA LEU A 28 -6.49 2.08 5.40
C LEU A 28 -7.86 1.75 4.83
N ILE A 29 -7.92 1.44 3.54
CA ILE A 29 -9.20 1.13 2.92
C ILE A 29 -9.79 -0.13 3.54
N PHE A 30 -8.95 -1.14 3.74
CA PHE A 30 -9.40 -2.40 4.34
C PHE A 30 -9.92 -2.15 5.75
N PHE A 31 -9.17 -1.39 6.52
CA PHE A 31 -9.57 -1.07 7.89
C PHE A 31 -10.90 -0.33 7.90
N ILE A 32 -11.05 0.66 7.02
CA ILE A 32 -12.29 1.41 6.96
C ILE A 32 -13.45 0.50 6.56
N VAL A 33 -13.20 -0.35 5.56
CA VAL A 33 -14.22 -1.27 5.09
C VAL A 33 -14.63 -2.24 6.20
N LYS A 34 -13.65 -2.78 6.90
CA LYS A 34 -13.88 -3.72 7.99
C LYS A 34 -14.71 -3.07 9.10
N THR A 35 -14.38 -1.83 9.42
CA THR A 35 -15.08 -1.09 10.47
C THR A 35 -16.48 -0.69 10.04
N HIS A 36 -16.71 -0.60 8.73
CA HIS A 36 -18.01 -0.23 8.20
C HIS A 36 -18.93 -1.44 8.16
N ARG A 37 -18.37 -2.62 7.90
CA ARG A 37 -19.16 -3.83 7.85
C ARG A 37 -19.36 -4.40 9.24
N ARG A 38 -20.57 -4.90 9.50
CA ARG A 38 -20.88 -5.46 10.80
C ARG A 38 -20.28 -6.87 10.93
N LYS A 39 -19.88 -7.24 12.13
CA LYS A 39 -19.28 -8.56 12.36
C LYS A 39 -20.30 -9.64 12.04
N ALA A 40 -21.54 -9.44 12.48
CA ALA A 40 -22.58 -10.42 12.22
C ALA A 40 -22.97 -10.44 10.74
N ALA A 41 -23.23 -11.63 10.22
CA ALA A 41 -23.60 -11.77 8.82
C ALA A 41 -24.92 -11.05 8.52
N ARG A 42 -25.86 -11.12 9.46
CA ARG A 42 -27.16 -10.49 9.27
C ARG A 42 -27.00 -8.98 9.11
N GLY A 1 17.61 -15.13 1.50
CA GLY A 1 18.59 -14.61 0.49
C GLY A 1 19.45 -13.53 1.14
N GLN A 2 19.81 -13.74 2.39
CA GLN A 2 20.64 -12.78 3.11
C GLN A 2 22.01 -12.66 2.45
N GLU A 3 22.55 -13.79 2.03
CA GLU A 3 23.86 -13.81 1.38
C GLU A 3 23.82 -13.07 0.05
N THR A 4 22.71 -13.22 -0.68
CA THR A 4 22.56 -12.57 -1.97
C THR A 4 22.39 -11.06 -1.79
N ARG A 5 23.08 -10.29 -2.62
CA ARG A 5 23.00 -8.84 -2.55
C ARG A 5 21.59 -8.35 -2.86
N ALA A 6 20.98 -8.94 -3.89
CA ALA A 6 19.63 -8.56 -4.29
C ALA A 6 18.63 -8.84 -3.18
N GLY A 7 18.82 -9.96 -2.48
CA GLY A 7 17.93 -10.34 -1.40
C GLY A 7 16.63 -10.93 -1.93
N VAL A 8 15.70 -11.23 -1.04
CA VAL A 8 14.43 -11.81 -1.44
C VAL A 8 13.65 -10.83 -2.32
N VAL A 9 13.62 -9.56 -1.91
CA VAL A 9 12.92 -8.54 -2.68
C VAL A 9 13.87 -7.40 -3.06
N HIS A 10 13.84 -7.02 -4.33
CA HIS A 10 14.71 -5.95 -4.81
C HIS A 10 13.93 -5.01 -5.73
N GLY A 11 14.15 -3.71 -5.56
CA GLY A 11 13.48 -2.71 -6.38
C GLY A 11 14.12 -1.34 -6.20
N ALA A 12 13.73 -0.40 -7.06
CA ALA A 12 14.29 0.95 -6.98
C ALA A 12 13.83 1.65 -5.70
N ILE A 13 14.74 2.41 -5.10
CA ILE A 13 14.42 3.13 -3.87
C ILE A 13 13.32 4.15 -4.10
N GLY A 14 13.42 4.88 -5.21
CA GLY A 14 12.44 5.90 -5.54
C GLY A 14 11.05 5.29 -5.76
N GLY A 15 11.02 4.10 -6.36
CA GLY A 15 9.74 3.43 -6.61
C GLY A 15 9.35 2.54 -5.44
N ALA A 16 10.30 2.31 -4.54
CA ALA A 16 10.01 1.50 -3.35
C ALA A 16 9.19 2.31 -2.38
N GLY A 17 9.39 3.62 -2.39
CA GLY A 17 8.62 4.50 -1.52
C GLY A 17 7.16 4.53 -1.96
N VAL A 18 6.94 4.54 -3.28
CA VAL A 18 5.58 4.57 -3.80
C VAL A 18 4.85 3.31 -3.36
N THR A 19 5.52 2.19 -3.45
CA THR A 19 4.92 0.92 -3.03
C THR A 19 4.49 1.04 -1.56
N ALA A 20 5.36 1.66 -0.77
CA ALA A 20 5.04 1.85 0.65
C ALA A 20 3.73 2.65 0.79
N LEU A 21 3.60 3.73 0.02
CA LEU A 21 2.37 4.55 0.06
C LEU A 21 1.15 3.73 -0.36
N LEU A 22 1.29 2.92 -1.41
CA LEU A 22 0.16 2.11 -1.86
C LEU A 22 -0.25 1.12 -0.77
N ALA A 23 0.72 0.53 -0.10
CA ALA A 23 0.41 -0.43 0.95
C ALA A 23 -0.33 0.25 2.08
N LEU A 24 0.11 1.46 2.43
CA LEU A 24 -0.54 2.22 3.49
C LEU A 24 -1.98 2.55 3.08
N CYS A 25 -2.17 2.95 1.83
CA CYS A 25 -3.51 3.29 1.35
C CYS A 25 -4.42 2.06 1.38
N LEU A 26 -3.89 0.92 0.96
CA LEU A 26 -4.66 -0.32 0.95
C LEU A 26 -5.04 -0.72 2.38
N CYS A 27 -4.12 -0.58 3.34
CA CYS A 27 -4.45 -0.94 4.71
C CYS A 27 -5.58 -0.06 5.24
N LEU A 28 -5.52 1.23 4.89
CA LEU A 28 -6.56 2.15 5.33
C LEU A 28 -7.91 1.73 4.76
N ILE A 29 -7.94 1.33 3.50
CA ILE A 29 -9.19 0.92 2.87
C ILE A 29 -9.77 -0.32 3.57
N PHE A 30 -8.90 -1.30 3.86
CA PHE A 30 -9.38 -2.51 4.52
C PHE A 30 -9.94 -2.18 5.90
N PHE A 31 -9.23 -1.33 6.64
CA PHE A 31 -9.66 -0.94 7.97
C PHE A 31 -11.03 -0.25 7.90
N ILE A 32 -11.19 0.67 6.95
CA ILE A 32 -12.46 1.37 6.82
C ILE A 32 -13.58 0.39 6.46
N VAL A 33 -13.30 -0.52 5.53
CA VAL A 33 -14.30 -1.49 5.10
C VAL A 33 -14.71 -2.39 6.27
N LYS A 34 -13.73 -2.89 7.02
CA LYS A 34 -14.02 -3.77 8.16
C LYS A 34 -14.85 -3.05 9.22
N THR A 35 -14.50 -1.80 9.48
CA THR A 35 -15.20 -1.01 10.49
C THR A 35 -16.63 -0.66 10.04
N HIS A 36 -16.85 -0.59 8.73
CA HIS A 36 -18.18 -0.31 8.22
C HIS A 36 -19.03 -1.57 8.30
N ARG A 37 -18.43 -2.73 8.05
CA ARG A 37 -19.17 -3.98 8.12
C ARG A 37 -19.64 -4.23 9.55
N ARG A 38 -18.79 -3.91 10.52
CA ARG A 38 -19.14 -4.09 11.92
C ARG A 38 -20.35 -3.24 12.30
N LYS A 39 -20.36 -1.99 11.85
CA LYS A 39 -21.46 -1.09 12.14
C LYS A 39 -22.76 -1.61 11.53
N ALA A 40 -22.67 -2.10 10.30
CA ALA A 40 -23.84 -2.63 9.61
C ALA A 40 -25.04 -1.71 9.80
N ALA A 41 -24.80 -0.41 9.70
CA ALA A 41 -25.88 0.57 9.86
C ALA A 41 -26.90 0.45 8.74
N ARG A 42 -28.17 0.63 9.08
CA ARG A 42 -29.24 0.54 8.08
C ARG A 42 -28.99 -0.65 7.16
N GLY A 1 20.80 3.20 -34.18
CA GLY A 1 20.96 2.04 -35.10
C GLY A 1 20.47 0.77 -34.41
N GLN A 2 20.63 0.73 -33.10
CA GLN A 2 20.20 -0.43 -32.32
C GLN A 2 18.94 -0.11 -31.52
N GLU A 3 17.96 -1.00 -31.59
CA GLU A 3 16.72 -0.80 -30.86
C GLU A 3 16.95 -0.85 -29.35
N THR A 4 17.87 -1.71 -28.91
CA THR A 4 18.17 -1.83 -27.49
C THR A 4 18.77 -0.53 -26.94
N ARG A 5 18.24 -0.08 -25.80
CA ARG A 5 18.72 1.15 -25.18
C ARG A 5 19.17 0.87 -23.75
N ALA A 6 20.44 1.18 -23.46
CA ALA A 6 20.98 0.94 -22.12
C ALA A 6 20.26 1.80 -21.10
N GLY A 7 19.93 3.03 -21.48
CA GLY A 7 19.25 3.94 -20.59
C GLY A 7 20.21 4.54 -19.57
N VAL A 8 19.65 5.27 -18.60
CA VAL A 8 20.44 5.91 -17.55
C VAL A 8 19.99 5.43 -16.18
N VAL A 9 20.95 5.07 -15.34
CA VAL A 9 20.64 4.58 -14.00
C VAL A 9 19.92 5.63 -13.15
N HIS A 10 20.42 6.86 -13.19
CA HIS A 10 19.82 7.94 -12.41
C HIS A 10 18.34 8.13 -12.78
N GLY A 11 18.04 8.03 -14.06
CA GLY A 11 16.67 8.18 -14.53
C GLY A 11 15.76 7.11 -13.95
N ALA A 12 16.27 5.90 -13.83
CA ALA A 12 15.48 4.79 -13.29
C ALA A 12 15.19 5.03 -11.81
N ILE A 13 13.98 4.66 -11.39
CA ILE A 13 13.57 4.85 -9.99
C ILE A 13 12.97 3.55 -9.43
N GLY A 14 13.41 3.16 -8.24
CA GLY A 14 12.90 1.95 -7.61
C GLY A 14 11.42 2.07 -7.28
N GLY A 15 11.01 3.25 -6.84
CA GLY A 15 9.62 3.47 -6.50
C GLY A 15 9.21 2.61 -5.29
N ALA A 16 10.17 2.41 -4.39
CA ALA A 16 9.91 1.66 -3.17
C ALA A 16 9.02 2.48 -2.24
N GLY A 17 9.21 3.80 -2.26
CA GLY A 17 8.40 4.69 -1.43
C GLY A 17 6.96 4.69 -1.93
N VAL A 18 6.80 4.67 -3.24
CA VAL A 18 5.48 4.65 -3.83
C VAL A 18 4.75 3.37 -3.42
N THR A 19 5.45 2.24 -3.50
CA THR A 19 4.87 0.97 -3.13
C THR A 19 4.45 1.00 -1.66
N ALA A 20 5.34 1.53 -0.84
CA ALA A 20 5.05 1.63 0.58
C ALA A 20 3.80 2.48 0.79
N LEU A 21 3.72 3.59 0.09
CA LEU A 21 2.55 4.47 0.20
C LEU A 21 1.30 3.74 -0.27
N LEU A 22 1.39 3.01 -1.38
CA LEU A 22 0.24 2.28 -1.88
C LEU A 22 -0.21 1.23 -0.87
N ALA A 23 0.75 0.53 -0.26
CA ALA A 23 0.42 -0.50 0.73
C ALA A 23 -0.31 0.13 1.93
N LEU A 24 0.16 1.29 2.35
CA LEU A 24 -0.49 1.99 3.46
C LEU A 24 -1.92 2.38 3.09
N CYS A 25 -2.10 2.86 1.87
CA CYS A 25 -3.44 3.25 1.43
C CYS A 25 -4.36 2.04 1.42
N LEU A 26 -3.83 0.89 1.01
CA LEU A 26 -4.59 -0.34 0.98
C LEU A 26 -5.00 -0.74 2.40
N CYS A 27 -4.10 -0.58 3.38
CA CYS A 27 -4.45 -0.94 4.76
C CYS A 27 -5.58 -0.05 5.27
N LEU A 28 -5.51 1.25 4.97
CA LEU A 28 -6.56 2.15 5.43
C LEU A 28 -7.91 1.73 4.85
N ILE A 29 -7.93 1.36 3.59
CA ILE A 29 -9.20 0.96 2.98
C ILE A 29 -9.74 -0.29 3.69
N PHE A 30 -8.87 -1.26 3.95
CA PHE A 30 -9.31 -2.48 4.63
C PHE A 30 -9.90 -2.16 6.01
N PHE A 31 -9.23 -1.31 6.77
CA PHE A 31 -9.74 -0.93 8.10
C PHE A 31 -11.09 -0.23 7.98
N ILE A 32 -11.23 0.68 7.01
CA ILE A 32 -12.48 1.40 6.83
C ILE A 32 -13.59 0.41 6.45
N VAL A 33 -13.27 -0.50 5.54
CA VAL A 33 -14.23 -1.49 5.09
C VAL A 33 -14.64 -2.40 6.24
N LYS A 34 -13.66 -2.85 7.02
CA LYS A 34 -13.93 -3.72 8.17
C LYS A 34 -14.76 -3.01 9.22
N THR A 35 -14.48 -1.72 9.44
CA THR A 35 -15.21 -0.94 10.43
C THR A 35 -16.61 -0.59 9.94
N HIS A 36 -16.78 -0.60 8.62
CA HIS A 36 -18.08 -0.31 8.03
C HIS A 36 -18.94 -1.58 8.01
N ARG A 37 -18.30 -2.72 7.84
CA ARG A 37 -19.01 -3.99 7.79
C ARG A 37 -19.07 -4.60 9.18
N ARG A 38 -20.22 -5.17 9.52
CA ARG A 38 -20.39 -5.78 10.84
C ARG A 38 -19.89 -7.22 10.83
N LYS A 39 -19.25 -7.61 11.92
CA LYS A 39 -18.72 -8.95 12.03
C LYS A 39 -19.85 -9.98 12.02
N ALA A 40 -20.91 -9.66 12.74
CA ALA A 40 -22.07 -10.56 12.80
C ALA A 40 -23.35 -9.77 12.98
N ALA A 41 -24.46 -10.34 12.52
CA ALA A 41 -25.74 -9.68 12.63
C ALA A 41 -26.14 -9.52 14.10
N ARG A 42 -25.83 -10.51 14.92
CA ARG A 42 -26.16 -10.46 16.34
C ARG A 42 -24.98 -10.94 17.18
N GLY A 1 -9.55 -0.83 -19.46
CA GLY A 1 -9.15 -2.00 -20.29
C GLY A 1 -8.21 -2.90 -19.50
N GLN A 2 -8.57 -4.18 -19.40
CA GLN A 2 -7.76 -5.14 -18.66
C GLN A 2 -6.51 -5.50 -19.45
N GLU A 3 -5.36 -5.48 -18.78
CA GLU A 3 -4.10 -5.81 -19.43
C GLU A 3 -4.11 -7.26 -19.89
N THR A 4 -3.75 -7.48 -21.15
CA THR A 4 -3.71 -8.83 -21.71
C THR A 4 -2.35 -9.48 -21.45
N ARG A 5 -1.34 -8.66 -21.19
CA ARG A 5 0.01 -9.17 -20.93
C ARG A 5 0.11 -9.73 -19.51
N ALA A 6 0.87 -10.80 -19.35
CA ALA A 6 1.04 -11.42 -18.04
C ALA A 6 1.86 -10.51 -17.12
N GLY A 7 1.49 -10.47 -15.85
CA GLY A 7 2.20 -9.65 -14.87
C GLY A 7 3.64 -10.12 -14.71
N VAL A 8 3.82 -11.44 -14.77
CA VAL A 8 5.16 -12.02 -14.62
C VAL A 8 6.08 -11.54 -15.75
N VAL A 9 5.56 -11.56 -16.98
CA VAL A 9 6.35 -11.14 -18.13
C VAL A 9 6.74 -9.67 -18.01
N HIS A 10 5.79 -8.82 -17.64
CA HIS A 10 6.06 -7.40 -17.49
C HIS A 10 6.53 -7.09 -16.08
N GLY A 11 7.70 -6.47 -15.96
CA GLY A 11 8.26 -6.13 -14.66
C GLY A 11 7.58 -4.88 -14.09
N ALA A 12 7.43 -4.84 -12.77
CA ALA A 12 6.82 -3.69 -12.11
C ALA A 12 7.73 -2.48 -12.18
N ILE A 13 7.12 -1.29 -12.32
CA ILE A 13 7.90 -0.06 -12.40
C ILE A 13 7.41 0.95 -11.38
N GLY A 14 8.33 1.53 -10.63
CA GLY A 14 7.98 2.52 -9.62
C GLY A 14 9.08 2.64 -8.56
N GLY A 15 8.77 3.32 -7.47
CA GLY A 15 9.74 3.51 -6.38
C GLY A 15 9.34 2.63 -5.19
N ALA A 16 10.29 2.42 -4.27
CA ALA A 16 10.00 1.66 -3.06
C ALA A 16 9.12 2.50 -2.15
N GLY A 17 9.30 3.81 -2.22
CA GLY A 17 8.49 4.72 -1.44
C GLY A 17 7.04 4.70 -1.91
N VAL A 18 6.86 4.65 -3.22
CA VAL A 18 5.53 4.60 -3.80
C VAL A 18 4.82 3.32 -3.35
N THR A 19 5.54 2.22 -3.37
CA THR A 19 4.97 0.94 -2.95
C THR A 19 4.54 1.02 -1.48
N ALA A 20 5.37 1.67 -0.69
CA ALA A 20 5.04 1.81 0.73
C ALA A 20 3.74 2.61 0.85
N LEU A 21 3.61 3.66 0.05
CA LEU A 21 2.40 4.48 0.09
C LEU A 21 1.17 3.65 -0.34
N LEU A 22 1.32 2.84 -1.38
CA LEU A 22 0.20 2.02 -1.84
C LEU A 22 -0.22 1.04 -0.75
N ALA A 23 0.74 0.42 -0.08
CA ALA A 23 0.43 -0.53 0.99
C ALA A 23 -0.33 0.17 2.11
N LEU A 24 0.10 1.38 2.44
CA LEU A 24 -0.57 2.15 3.49
C LEU A 24 -2.00 2.47 3.06
N CYS A 25 -2.18 2.85 1.80
CA CYS A 25 -3.51 3.18 1.31
C CYS A 25 -4.42 1.95 1.35
N LEU A 26 -3.86 0.81 0.95
CA LEU A 26 -4.61 -0.44 0.95
C LEU A 26 -5.01 -0.83 2.38
N CYS A 27 -4.10 -0.64 3.35
CA CYS A 27 -4.44 -1.00 4.72
C CYS A 27 -5.56 -0.11 5.25
N LEU A 28 -5.49 1.18 4.94
CA LEU A 28 -6.51 2.12 5.39
C LEU A 28 -7.86 1.74 4.82
N ILE A 29 -7.90 1.39 3.53
CA ILE A 29 -9.16 1.02 2.89
C ILE A 29 -9.74 -0.23 3.55
N PHE A 30 -8.90 -1.22 3.80
CA PHE A 30 -9.33 -2.46 4.44
C PHE A 30 -9.89 -2.16 5.83
N PHE A 31 -9.17 -1.35 6.59
CA PHE A 31 -9.61 -0.98 7.93
C PHE A 31 -10.95 -0.27 7.88
N ILE A 32 -11.10 0.69 6.96
CA ILE A 32 -12.37 1.40 6.85
C ILE A 32 -13.49 0.45 6.46
N VAL A 33 -13.23 -0.42 5.50
CA VAL A 33 -14.23 -1.38 5.05
C VAL A 33 -14.64 -2.31 6.18
N LYS A 34 -13.66 -2.82 6.93
CA LYS A 34 -13.91 -3.73 8.03
C LYS A 34 -14.73 -3.05 9.13
N THR A 35 -14.41 -1.78 9.40
CA THR A 35 -15.11 -1.02 10.44
C THR A 35 -16.51 -0.63 9.99
N HIS A 36 -16.71 -0.55 8.68
CA HIS A 36 -18.01 -0.19 8.14
C HIS A 36 -18.93 -1.42 8.09
N ARG A 37 -18.32 -2.59 7.84
CA ARG A 37 -19.08 -3.82 7.76
C ARG A 37 -19.02 -4.58 9.09
N ARG A 38 -20.16 -5.15 9.49
CA ARG A 38 -20.24 -5.90 10.73
C ARG A 38 -19.84 -5.04 11.93
N LYS A 39 -20.49 -5.25 13.06
CA LYS A 39 -20.19 -4.49 14.26
C LYS A 39 -20.27 -2.99 13.96
N ALA A 40 -21.16 -2.62 13.06
CA ALA A 40 -21.33 -1.22 12.69
C ALA A 40 -21.88 -0.42 13.87
N ALA A 41 -21.41 0.81 14.01
CA ALA A 41 -21.85 1.67 15.10
C ALA A 41 -23.34 1.98 14.97
N ARG A 42 -23.80 2.18 13.74
CA ARG A 42 -25.20 2.48 13.50
C ARG A 42 -26.03 1.21 13.48
N GLY A 1 18.00 -2.47 -20.59
CA GLY A 1 16.71 -3.14 -20.92
C GLY A 1 15.64 -2.73 -19.93
N GLN A 2 14.60 -3.55 -19.80
CA GLN A 2 13.51 -3.26 -18.88
C GLN A 2 13.08 -1.81 -19.00
N GLU A 3 12.24 -1.52 -19.98
CA GLU A 3 11.76 -0.16 -20.19
C GLU A 3 10.88 0.29 -19.03
N THR A 4 11.05 1.53 -18.60
CA THR A 4 10.26 2.07 -17.49
C THR A 4 9.47 3.29 -17.95
N ARG A 5 8.16 3.27 -17.69
CA ARG A 5 7.29 4.38 -18.06
C ARG A 5 7.66 5.65 -17.30
N ALA A 6 7.99 5.48 -16.02
CA ALA A 6 8.36 6.62 -15.18
C ALA A 6 9.66 7.24 -15.66
N GLY A 7 9.74 8.56 -15.59
CA GLY A 7 10.94 9.27 -16.03
C GLY A 7 11.93 9.43 -14.87
N VAL A 8 13.09 10.01 -15.15
CA VAL A 8 14.11 10.22 -14.13
C VAL A 8 13.61 11.19 -13.07
N VAL A 9 12.94 12.26 -13.51
CA VAL A 9 12.42 13.25 -12.58
C VAL A 9 11.38 12.63 -11.65
N HIS A 10 10.47 11.85 -12.23
CA HIS A 10 9.43 11.21 -11.43
C HIS A 10 9.91 9.85 -10.93
N GLY A 11 9.80 9.63 -9.63
CA GLY A 11 10.23 8.37 -9.03
C GLY A 11 11.74 8.35 -8.84
N ALA A 12 12.35 9.54 -8.85
CA ALA A 12 13.79 9.64 -8.68
C ALA A 12 14.21 9.14 -7.30
N ILE A 13 13.38 9.41 -6.30
CA ILE A 13 13.68 8.97 -4.93
C ILE A 13 13.71 7.44 -4.86
N GLY A 14 12.73 6.81 -5.50
CA GLY A 14 12.64 5.36 -5.51
C GLY A 14 11.20 4.89 -5.58
N GLY A 15 10.97 3.81 -6.31
CA GLY A 15 9.62 3.26 -6.45
C GLY A 15 9.23 2.48 -5.21
N ALA A 16 10.17 2.38 -4.28
CA ALA A 16 9.90 1.72 -3.02
C ALA A 16 8.96 2.57 -2.18
N GLY A 17 9.10 3.89 -2.32
CA GLY A 17 8.23 4.82 -1.59
C GLY A 17 6.81 4.70 -2.11
N VAL A 18 6.67 4.57 -3.41
CA VAL A 18 5.35 4.43 -4.01
C VAL A 18 4.68 3.16 -3.51
N THR A 19 5.45 2.08 -3.49
CA THR A 19 4.92 0.81 -3.01
C THR A 19 4.50 0.94 -1.55
N ALA A 20 5.35 1.59 -0.76
CA ALA A 20 5.05 1.78 0.65
C ALA A 20 3.74 2.59 0.79
N LEU A 21 3.62 3.67 0.03
CA LEU A 21 2.42 4.50 0.11
C LEU A 21 1.20 3.69 -0.33
N LEU A 22 1.34 2.90 -1.38
CA LEU A 22 0.22 2.09 -1.84
C LEU A 22 -0.20 1.10 -0.76
N ALA A 23 0.78 0.48 -0.08
CA ALA A 23 0.46 -0.47 0.97
C ALA A 23 -0.30 0.21 2.11
N LEU A 24 0.15 1.40 2.49
CA LEU A 24 -0.53 2.15 3.56
C LEU A 24 -1.95 2.49 3.14
N CYS A 25 -2.13 2.90 1.89
CA CYS A 25 -3.46 3.25 1.41
C CYS A 25 -4.37 2.03 1.42
N LEU A 26 -3.83 0.88 0.99
CA LEU A 26 -4.60 -0.36 0.97
C LEU A 26 -5.00 -0.76 2.39
N CYS A 27 -4.11 -0.61 3.36
CA CYS A 27 -4.45 -0.98 4.73
C CYS A 27 -5.57 -0.09 5.25
N LEU A 28 -5.49 1.19 4.93
CA LEU A 28 -6.52 2.12 5.39
C LEU A 28 -7.87 1.74 4.79
N ILE A 29 -7.91 1.39 3.50
CA ILE A 29 -9.19 1.04 2.88
C ILE A 29 -9.75 -0.23 3.54
N PHE A 30 -8.89 -1.22 3.78
CA PHE A 30 -9.33 -2.45 4.42
C PHE A 30 -9.88 -2.17 5.81
N PHE A 31 -9.16 -1.37 6.58
CA PHE A 31 -9.61 -1.04 7.93
C PHE A 31 -10.95 -0.32 7.89
N ILE A 32 -11.09 0.68 7.01
CA ILE A 32 -12.35 1.41 6.93
C ILE A 32 -13.48 0.47 6.52
N VAL A 33 -13.22 -0.36 5.51
CA VAL A 33 -14.25 -1.29 5.04
C VAL A 33 -14.65 -2.26 6.15
N LYS A 34 -13.68 -2.82 6.85
CA LYS A 34 -13.97 -3.76 7.92
C LYS A 34 -14.79 -3.10 9.04
N THR A 35 -14.39 -1.88 9.41
CA THR A 35 -15.07 -1.13 10.45
C THR A 35 -16.49 -0.72 10.05
N HIS A 36 -16.70 -0.54 8.75
CA HIS A 36 -18.02 -0.16 8.27
C HIS A 36 -18.93 -1.38 8.20
N ARG A 37 -18.36 -2.52 7.85
CA ARG A 37 -19.13 -3.76 7.75
C ARG A 37 -18.44 -4.89 8.52
N ARG A 38 -19.24 -5.62 9.30
CA ARG A 38 -18.70 -6.74 10.08
C ARG A 38 -19.67 -7.92 10.08
N LYS A 39 -19.12 -9.12 10.20
CA LYS A 39 -19.95 -10.33 10.22
C LYS A 39 -20.58 -10.53 11.59
N ALA A 40 -21.82 -11.00 11.61
CA ALA A 40 -22.52 -11.24 12.87
C ALA A 40 -21.87 -12.39 13.64
N ALA A 41 -21.83 -12.24 14.96
CA ALA A 41 -21.23 -13.27 15.80
C ALA A 41 -21.90 -13.30 17.18
N ARG A 42 -21.88 -14.46 17.82
CA ARG A 42 -22.48 -14.60 19.14
C ARG A 42 -21.72 -13.77 20.16
N GLY A 1 2.00 -11.85 6.22
CA GLY A 1 0.74 -11.10 6.47
C GLY A 1 1.07 -9.64 6.78
N GLN A 2 0.36 -9.07 7.74
CA GLN A 2 0.58 -7.68 8.12
C GLN A 2 1.98 -7.50 8.70
N GLU A 3 2.41 -8.47 9.51
CA GLU A 3 3.72 -8.41 10.13
C GLU A 3 4.42 -9.77 10.03
N THR A 4 5.74 -9.75 9.92
CA THR A 4 6.52 -10.98 9.83
C THR A 4 7.70 -10.94 10.80
N ARG A 5 8.20 -12.13 11.14
CA ARG A 5 9.33 -12.22 12.07
C ARG A 5 10.58 -11.59 11.47
N ALA A 6 10.79 -11.80 10.17
CA ALA A 6 11.96 -11.24 9.50
C ALA A 6 11.85 -9.72 9.41
N GLY A 7 12.97 -9.04 9.61
CA GLY A 7 13.00 -7.58 9.54
C GLY A 7 13.58 -7.11 8.21
N VAL A 8 13.88 -8.07 7.33
CA VAL A 8 14.44 -7.75 6.02
C VAL A 8 13.57 -8.30 4.90
N VAL A 9 13.28 -7.46 3.91
CA VAL A 9 12.46 -7.88 2.78
C VAL A 9 13.12 -7.47 1.46
N HIS A 10 12.69 -8.10 0.38
CA HIS A 10 13.25 -7.80 -0.94
C HIS A 10 12.90 -6.38 -1.35
N GLY A 11 11.66 -5.98 -1.08
CA GLY A 11 11.21 -4.64 -1.44
C GLY A 11 11.25 -4.44 -2.95
N ALA A 12 11.84 -3.33 -3.39
CA ALA A 12 11.94 -3.04 -4.81
C ALA A 12 13.20 -2.24 -5.12
N ILE A 13 13.71 -2.39 -6.33
CA ILE A 13 14.92 -1.68 -6.74
C ILE A 13 14.67 -0.18 -6.74
N GLY A 14 13.53 0.23 -7.26
CA GLY A 14 13.18 1.65 -7.31
C GLY A 14 11.69 1.86 -7.09
N GLY A 15 11.33 3.08 -6.69
CA GLY A 15 9.92 3.39 -6.44
C GLY A 15 9.46 2.75 -5.13
N ALA A 16 10.39 2.43 -4.25
CA ALA A 16 10.01 1.80 -2.99
C ALA A 16 9.08 2.71 -2.19
N GLY A 17 9.19 4.02 -2.38
CA GLY A 17 8.34 4.96 -1.67
C GLY A 17 6.90 4.82 -2.16
N VAL A 18 6.74 4.66 -3.47
CA VAL A 18 5.41 4.51 -4.06
C VAL A 18 4.79 3.22 -3.55
N THR A 19 5.59 2.16 -3.52
CA THR A 19 5.11 0.86 -3.06
C THR A 19 4.64 0.95 -1.60
N ALA A 20 5.44 1.59 -0.77
CA ALA A 20 5.07 1.72 0.65
C ALA A 20 3.77 2.51 0.77
N LEU A 21 3.65 3.61 0.01
CA LEU A 21 2.46 4.43 0.06
C LEU A 21 1.23 3.65 -0.39
N LEU A 22 1.35 2.86 -1.45
CA LEU A 22 0.20 2.06 -1.92
C LEU A 22 -0.23 1.07 -0.83
N ALA A 23 0.74 0.43 -0.18
CA ALA A 23 0.44 -0.54 0.87
C ALA A 23 -0.31 0.12 2.02
N LEU A 24 0.15 1.31 2.41
CA LEU A 24 -0.51 2.03 3.50
C LEU A 24 -1.94 2.39 3.12
N CYS A 25 -2.13 2.84 1.89
CA CYS A 25 -3.47 3.22 1.43
C CYS A 25 -4.39 2.00 1.41
N LEU A 26 -3.87 0.87 0.95
CA LEU A 26 -4.67 -0.36 0.90
C LEU A 26 -5.06 -0.80 2.31
N CYS A 27 -4.17 -0.70 3.29
CA CYS A 27 -4.53 -1.13 4.65
C CYS A 27 -5.64 -0.24 5.21
N LEU A 28 -5.53 1.08 4.98
CA LEU A 28 -6.53 2.02 5.48
C LEU A 28 -7.92 1.73 4.90
N ILE A 29 -7.99 1.45 3.61
CA ILE A 29 -9.28 1.15 2.97
C ILE A 29 -9.86 -0.11 3.59
N PHE A 30 -9.02 -1.12 3.78
CA PHE A 30 -9.48 -2.37 4.37
C PHE A 30 -10.02 -2.11 5.79
N PHE A 31 -9.27 -1.33 6.57
CA PHE A 31 -9.67 -1.02 7.95
C PHE A 31 -11.02 -0.30 7.95
N ILE A 32 -11.17 0.70 7.08
CA ILE A 32 -12.43 1.43 7.02
C ILE A 32 -13.56 0.50 6.60
N VAL A 33 -13.32 -0.34 5.61
CA VAL A 33 -14.33 -1.29 5.13
C VAL A 33 -14.72 -2.25 6.25
N LYS A 34 -13.73 -2.76 6.95
CA LYS A 34 -13.95 -3.70 8.04
C LYS A 34 -14.75 -3.06 9.17
N THR A 35 -14.46 -1.78 9.46
CA THR A 35 -15.15 -1.06 10.52
C THR A 35 -16.58 -0.69 10.11
N HIS A 36 -16.82 -0.62 8.80
CA HIS A 36 -18.15 -0.28 8.30
C HIS A 36 -19.02 -1.53 8.22
N ARG A 37 -18.39 -2.69 8.05
CA ARG A 37 -19.13 -3.94 7.96
C ARG A 37 -19.12 -4.67 9.29
N ARG A 38 -20.30 -5.19 9.69
CA ARG A 38 -20.42 -5.90 10.95
C ARG A 38 -19.89 -7.33 10.81
N LYS A 39 -19.26 -7.82 11.88
CA LYS A 39 -18.71 -9.17 11.87
C LYS A 39 -19.83 -10.20 11.68
N ALA A 40 -20.93 -9.99 12.38
CA ALA A 40 -22.08 -10.89 12.29
C ALA A 40 -23.38 -10.12 12.48
N ALA A 41 -24.45 -10.62 11.87
CA ALA A 41 -25.75 -9.97 11.97
C ALA A 41 -26.27 -10.04 13.40
N ARG A 42 -26.93 -8.97 13.83
CA ARG A 42 -27.48 -8.92 15.18
C ARG A 42 -28.81 -9.67 15.25
N GLY A 1 27.92 7.28 7.98
CA GLY A 1 26.54 7.78 8.20
C GLY A 1 26.46 8.48 9.56
N GLN A 2 25.55 9.46 9.67
CA GLN A 2 25.40 10.18 10.92
C GLN A 2 24.91 9.26 12.02
N GLU A 3 23.98 8.36 11.68
CA GLU A 3 23.44 7.41 12.64
C GLU A 3 23.78 5.98 12.22
N THR A 4 24.43 5.24 13.11
CA THR A 4 24.80 3.87 12.83
C THR A 4 23.74 2.90 13.37
N ARG A 5 22.85 3.42 14.20
CA ARG A 5 21.79 2.60 14.78
C ARG A 5 20.84 2.09 13.69
N ALA A 6 20.53 2.95 12.73
CA ALA A 6 19.64 2.58 11.65
C ALA A 6 20.27 1.51 10.77
N GLY A 7 19.46 0.56 10.31
CA GLY A 7 19.94 -0.51 9.44
C GLY A 7 19.92 -0.08 7.99
N VAL A 8 20.85 -0.63 7.20
CA VAL A 8 20.93 -0.30 5.78
C VAL A 8 21.07 -1.58 4.95
N VAL A 9 20.76 -1.47 3.66
CA VAL A 9 20.85 -2.60 2.75
C VAL A 9 21.58 -2.20 1.47
N HIS A 10 22.46 -3.08 1.00
CA HIS A 10 23.22 -2.79 -0.21
C HIS A 10 22.28 -2.72 -1.42
N GLY A 11 21.35 -3.66 -1.51
CA GLY A 11 20.40 -3.69 -2.61
C GLY A 11 19.40 -2.55 -2.49
N ALA A 12 18.93 -2.07 -3.63
CA ALA A 12 17.96 -0.97 -3.64
C ALA A 12 16.89 -1.20 -4.70
N ILE A 13 15.66 -0.81 -4.39
CA ILE A 13 14.55 -0.97 -5.32
C ILE A 13 13.95 0.39 -5.68
N GLY A 14 13.81 0.66 -6.98
CA GLY A 14 13.25 1.93 -7.42
C GLY A 14 11.76 2.00 -7.13
N GLY A 15 11.28 3.20 -6.82
CA GLY A 15 9.87 3.39 -6.53
C GLY A 15 9.46 2.61 -5.29
N ALA A 16 10.39 2.40 -4.38
CA ALA A 16 10.08 1.69 -3.14
C ALA A 16 9.18 2.56 -2.27
N GLY A 17 9.36 3.89 -2.37
CA GLY A 17 8.53 4.81 -1.61
C GLY A 17 7.08 4.74 -2.11
N VAL A 18 6.92 4.61 -3.42
CA VAL A 18 5.59 4.53 -4.01
C VAL A 18 4.88 3.28 -3.52
N THR A 19 5.60 2.16 -3.49
CA THR A 19 5.03 0.90 -3.04
C THR A 19 4.57 1.03 -1.58
N ALA A 20 5.41 1.66 -0.76
CA ALA A 20 5.05 1.83 0.65
C ALA A 20 3.75 2.63 0.77
N LEU A 21 3.62 3.72 0.04
CA LEU A 21 2.40 4.53 0.12
C LEU A 21 1.16 3.75 -0.32
N LEU A 22 1.28 2.97 -1.40
CA LEU A 22 0.14 2.19 -1.87
C LEU A 22 -0.29 1.17 -0.82
N ALA A 23 0.68 0.53 -0.17
CA ALA A 23 0.37 -0.46 0.86
C ALA A 23 -0.36 0.21 2.02
N LEU A 24 0.10 1.39 2.41
CA LEU A 24 -0.53 2.12 3.51
C LEU A 24 -1.97 2.47 3.13
N CYS A 25 -2.18 2.92 1.88
CA CYS A 25 -3.54 3.28 1.45
C CYS A 25 -4.46 2.06 1.48
N LEU A 26 -3.96 0.94 0.99
CA LEU A 26 -4.74 -0.30 0.96
C LEU A 26 -5.10 -0.77 2.37
N CYS A 27 -4.17 -0.66 3.31
CA CYS A 27 -4.48 -1.08 4.68
C CYS A 27 -5.59 -0.19 5.24
N LEU A 28 -5.51 1.09 4.93
CA LEU A 28 -6.51 2.03 5.40
C LEU A 28 -7.88 1.65 4.84
N ILE A 29 -7.93 1.29 3.56
CA ILE A 29 -9.20 0.92 2.94
C ILE A 29 -9.79 -0.32 3.59
N PHE A 30 -8.95 -1.32 3.85
CA PHE A 30 -9.44 -2.55 4.48
C PHE A 30 -9.98 -2.24 5.88
N PHE A 31 -9.26 -1.42 6.63
CA PHE A 31 -9.68 -1.06 7.98
C PHE A 31 -11.04 -0.35 7.93
N ILE A 32 -11.20 0.62 7.03
CA ILE A 32 -12.45 1.35 6.94
C ILE A 32 -13.59 0.39 6.56
N VAL A 33 -13.34 -0.46 5.58
CA VAL A 33 -14.37 -1.41 5.13
C VAL A 33 -14.77 -2.35 6.27
N LYS A 34 -13.79 -2.86 6.99
CA LYS A 34 -14.04 -3.79 8.09
C LYS A 34 -14.83 -3.10 9.21
N THR A 35 -14.49 -1.84 9.47
CA THR A 35 -15.16 -1.07 10.52
C THR A 35 -16.57 -0.62 10.11
N HIS A 36 -16.79 -0.57 8.80
CA HIS A 36 -18.10 -0.15 8.29
C HIS A 36 -19.03 -1.35 8.19
N ARG A 37 -18.47 -2.56 8.25
CA ARG A 37 -19.27 -3.78 8.15
C ARG A 37 -20.39 -3.61 7.13
N ARG A 38 -20.06 -3.78 5.85
CA ARG A 38 -21.04 -3.64 4.79
C ARG A 38 -22.15 -4.69 4.96
N LYS A 39 -21.77 -5.91 5.28
CA LYS A 39 -22.74 -6.99 5.47
C LYS A 39 -22.55 -7.63 6.84
N ALA A 40 -23.67 -8.03 7.44
CA ALA A 40 -23.63 -8.67 8.75
C ALA A 40 -24.81 -9.62 8.93
N ALA A 41 -24.63 -10.64 9.77
CA ALA A 41 -25.69 -11.61 10.01
C ALA A 41 -26.88 -10.93 10.68
N ARG A 42 -26.61 -9.99 11.57
CA ARG A 42 -27.67 -9.27 12.27
C ARG A 42 -28.66 -8.68 11.27
N GLY A 1 -15.53 -3.41 -28.08
CA GLY A 1 -14.43 -2.40 -28.16
C GLY A 1 -14.79 -1.18 -27.32
N GLN A 2 -13.77 -0.44 -26.87
CA GLN A 2 -14.00 0.75 -26.07
C GLN A 2 -13.06 1.88 -26.50
N GLU A 3 -13.51 3.12 -26.26
CA GLU A 3 -12.70 4.29 -26.62
C GLU A 3 -12.17 4.98 -25.37
N THR A 4 -10.87 5.26 -25.37
CA THR A 4 -10.24 5.92 -24.23
C THR A 4 -9.55 7.22 -24.66
N ARG A 5 -9.85 8.31 -23.95
CA ARG A 5 -9.24 9.60 -24.25
C ARG A 5 -7.73 9.56 -24.00
N ALA A 6 -7.33 8.91 -22.90
CA ALA A 6 -5.92 8.83 -22.55
C ALA A 6 -5.64 7.56 -21.73
N GLY A 7 -6.59 7.21 -20.86
CA GLY A 7 -6.45 6.02 -20.02
C GLY A 7 -5.50 6.26 -18.86
N VAL A 8 -5.26 5.21 -18.07
CA VAL A 8 -4.38 5.30 -16.93
C VAL A 8 -3.36 4.17 -16.95
N VAL A 9 -2.12 4.51 -16.61
CA VAL A 9 -1.06 3.51 -16.59
C VAL A 9 -0.37 3.48 -15.23
N HIS A 10 -0.21 2.28 -14.68
CA HIS A 10 0.42 2.11 -13.37
C HIS A 10 1.70 1.30 -13.52
N GLY A 11 2.66 1.57 -12.66
CA GLY A 11 3.92 0.85 -12.70
C GLY A 11 4.85 1.44 -13.77
N ALA A 12 4.59 2.68 -14.17
CA ALA A 12 5.42 3.32 -15.19
C ALA A 12 6.84 3.50 -14.65
N ILE A 13 6.95 3.88 -13.38
CA ILE A 13 8.26 4.08 -12.75
C ILE A 13 8.40 3.23 -11.48
N GLY A 14 9.62 2.90 -11.12
CA GLY A 14 9.86 2.09 -9.93
C GLY A 14 10.18 2.96 -8.71
N GLY A 15 9.64 2.58 -7.56
CA GLY A 15 9.90 3.34 -6.33
C GLY A 15 9.48 2.55 -5.09
N ALA A 16 10.39 2.42 -4.14
CA ALA A 16 10.06 1.74 -2.90
C ALA A 16 9.13 2.60 -2.06
N GLY A 17 9.27 3.92 -2.20
CA GLY A 17 8.42 4.85 -1.47
C GLY A 17 6.98 4.76 -1.98
N VAL A 18 6.84 4.67 -3.29
CA VAL A 18 5.52 4.59 -3.88
C VAL A 18 4.82 3.31 -3.46
N THR A 19 5.55 2.20 -3.50
CA THR A 19 4.98 0.92 -3.09
C THR A 19 4.56 1.00 -1.63
N ALA A 20 5.39 1.67 -0.84
CA ALA A 20 5.07 1.84 0.57
C ALA A 20 3.77 2.63 0.71
N LEU A 21 3.63 3.71 -0.06
CA LEU A 21 2.41 4.51 0.02
C LEU A 21 1.19 3.68 -0.40
N LEU A 22 1.30 2.87 -1.46
CA LEU A 22 0.16 2.06 -1.88
C LEU A 22 -0.25 1.08 -0.79
N ALA A 23 0.73 0.44 -0.13
CA ALA A 23 0.41 -0.52 0.92
C ALA A 23 -0.33 0.16 2.07
N LEU A 24 0.15 1.34 2.47
CA LEU A 24 -0.51 2.07 3.55
C LEU A 24 -1.93 2.45 3.15
N CYS A 25 -2.11 2.90 1.91
CA CYS A 25 -3.44 3.29 1.45
C CYS A 25 -4.37 2.08 1.44
N LEU A 26 -3.82 0.94 1.02
CA LEU A 26 -4.59 -0.30 0.98
C LEU A 26 -5.00 -0.71 2.40
N CYS A 27 -4.11 -0.56 3.37
CA CYS A 27 -4.47 -0.95 4.74
C CYS A 27 -5.58 -0.06 5.26
N LEU A 28 -5.51 1.23 4.96
CA LEU A 28 -6.53 2.17 5.42
C LEU A 28 -7.89 1.80 4.82
N ILE A 29 -7.92 1.46 3.54
CA ILE A 29 -9.19 1.11 2.90
C ILE A 29 -9.79 -0.15 3.54
N PHE A 30 -8.95 -1.14 3.76
CA PHE A 30 -9.40 -2.39 4.38
C PHE A 30 -9.93 -2.14 5.79
N PHE A 31 -9.21 -1.35 6.57
CA PHE A 31 -9.64 -1.03 7.93
C PHE A 31 -10.99 -0.32 7.90
N ILE A 32 -11.15 0.64 7.00
CA ILE A 32 -12.42 1.37 6.92
C ILE A 32 -13.56 0.42 6.54
N VAL A 33 -13.31 -0.43 5.54
CA VAL A 33 -14.32 -1.37 5.07
C VAL A 33 -14.74 -2.32 6.19
N LYS A 34 -13.76 -2.87 6.90
CA LYS A 34 -14.03 -3.80 7.99
C LYS A 34 -14.82 -3.14 9.13
N THR A 35 -14.47 -1.90 9.45
CA THR A 35 -15.15 -1.17 10.52
C THR A 35 -16.54 -0.75 10.08
N HIS A 36 -16.75 -0.64 8.78
CA HIS A 36 -18.05 -0.27 8.24
C HIS A 36 -18.95 -1.51 8.19
N ARG A 37 -18.33 -2.66 7.91
CA ARG A 37 -19.07 -3.91 7.84
C ARG A 37 -19.08 -4.59 9.21
N ARG A 38 -20.24 -5.11 9.61
CA ARG A 38 -20.36 -5.80 10.89
C ARG A 38 -21.06 -7.13 10.73
N LYS A 39 -20.60 -8.13 11.49
CA LYS A 39 -21.18 -9.46 11.44
C LYS A 39 -21.47 -9.99 12.84
N ALA A 40 -22.51 -10.80 12.96
CA ALA A 40 -22.88 -11.38 14.25
C ALA A 40 -21.81 -12.34 14.72
N ALA A 41 -21.56 -12.37 16.03
CA ALA A 41 -20.55 -13.25 16.59
C ALA A 41 -20.99 -14.70 16.48
N ARG A 42 -20.05 -15.60 16.23
CA ARG A 42 -20.37 -17.02 16.14
C ARG A 42 -20.08 -17.73 17.45
N GLY A 1 26.17 -5.99 -14.95
CA GLY A 1 26.66 -7.00 -13.99
C GLY A 1 25.52 -7.37 -13.03
N GLN A 2 25.70 -8.47 -12.31
CA GLN A 2 24.69 -8.92 -11.36
C GLN A 2 24.52 -7.91 -10.23
N GLU A 3 25.63 -7.28 -9.83
CA GLU A 3 25.59 -6.30 -8.75
C GLU A 3 24.71 -5.11 -9.15
N THR A 4 23.95 -4.60 -8.18
CA THR A 4 23.05 -3.48 -8.42
C THR A 4 23.84 -2.21 -8.78
N ARG A 5 25.01 -2.04 -8.17
CA ARG A 5 25.84 -0.87 -8.44
C ARG A 5 26.33 -0.87 -9.89
N ALA A 6 26.66 -2.06 -10.40
CA ALA A 6 27.14 -2.17 -11.76
C ALA A 6 26.11 -1.63 -12.74
N GLY A 7 26.58 -0.94 -13.79
CA GLY A 7 25.69 -0.37 -14.79
C GLY A 7 24.89 0.80 -14.21
N VAL A 8 23.56 0.74 -14.37
CA VAL A 8 22.69 1.79 -13.87
C VAL A 8 21.53 1.19 -13.08
N VAL A 9 20.88 2.02 -12.27
CA VAL A 9 19.76 1.56 -11.46
C VAL A 9 18.49 2.30 -11.84
N HIS A 10 17.41 1.55 -12.02
CA HIS A 10 16.13 2.13 -12.38
C HIS A 10 15.65 3.07 -11.27
N GLY A 11 15.86 2.66 -10.03
CA GLY A 11 15.44 3.45 -8.88
C GLY A 11 14.46 2.67 -8.02
N ALA A 12 14.95 1.57 -7.45
CA ALA A 12 14.10 0.73 -6.60
C ALA A 12 13.65 1.49 -5.36
N ILE A 13 14.54 2.30 -4.81
CA ILE A 13 14.21 3.08 -3.63
C ILE A 13 13.13 4.10 -3.95
N GLY A 14 13.23 4.72 -5.13
CA GLY A 14 12.26 5.72 -5.54
C GLY A 14 10.87 5.10 -5.67
N GLY A 15 10.82 3.89 -6.17
CA GLY A 15 9.53 3.20 -6.35
C GLY A 15 9.15 2.42 -5.10
N ALA A 16 10.11 2.27 -4.19
CA ALA A 16 9.82 1.59 -2.94
C ALA A 16 8.90 2.45 -2.09
N GLY A 17 9.08 3.77 -2.19
CA GLY A 17 8.23 4.70 -1.45
C GLY A 17 6.80 4.65 -1.96
N VAL A 18 6.64 4.56 -3.29
CA VAL A 18 5.31 4.49 -3.87
C VAL A 18 4.60 3.22 -3.42
N THR A 19 5.33 2.10 -3.46
CA THR A 19 4.77 0.84 -3.04
C THR A 19 4.39 0.92 -1.56
N ALA A 20 5.27 1.54 -0.79
CA ALA A 20 4.99 1.69 0.64
C ALA A 20 3.72 2.54 0.81
N LEU A 21 3.63 3.63 0.05
CA LEU A 21 2.46 4.51 0.11
C LEU A 21 1.21 3.74 -0.32
N LEU A 22 1.32 2.98 -1.40
CA LEU A 22 0.19 2.21 -1.90
C LEU A 22 -0.24 1.20 -0.86
N ALA A 23 0.71 0.53 -0.22
CA ALA A 23 0.38 -0.47 0.79
C ALA A 23 -0.35 0.20 1.96
N LEU A 24 0.12 1.38 2.35
CA LEU A 24 -0.52 2.12 3.44
C LEU A 24 -1.95 2.47 3.04
N CYS A 25 -2.15 2.89 1.80
CA CYS A 25 -3.50 3.25 1.35
C CYS A 25 -4.40 2.03 1.37
N LEU A 26 -3.87 0.90 0.94
CA LEU A 26 -4.63 -0.35 0.93
C LEU A 26 -5.00 -0.76 2.36
N CYS A 27 -4.10 -0.60 3.31
CA CYS A 27 -4.41 -0.97 4.69
C CYS A 27 -5.52 -0.08 5.22
N LEU A 28 -5.45 1.21 4.90
CA LEU A 28 -6.46 2.15 5.36
C LEU A 28 -7.83 1.76 4.79
N ILE A 29 -7.87 1.38 3.51
CA ILE A 29 -9.13 0.99 2.89
C ILE A 29 -9.71 -0.25 3.57
N PHE A 30 -8.85 -1.23 3.83
CA PHE A 30 -9.30 -2.45 4.50
C PHE A 30 -9.85 -2.11 5.88
N PHE A 31 -9.14 -1.28 6.61
CA PHE A 31 -9.57 -0.88 7.95
C PHE A 31 -10.92 -0.19 7.88
N ILE A 32 -11.07 0.74 6.95
CA ILE A 32 -12.34 1.45 6.82
C ILE A 32 -13.46 0.49 6.42
N VAL A 33 -13.19 -0.40 5.47
CA VAL A 33 -14.18 -1.36 5.01
C VAL A 33 -14.58 -2.31 6.14
N LYS A 34 -13.60 -2.81 6.88
CA LYS A 34 -13.83 -3.74 7.97
C LYS A 34 -14.64 -3.08 9.09
N THR A 35 -14.33 -1.82 9.37
CA THR A 35 -15.02 -1.08 10.42
C THR A 35 -16.44 -0.70 10.01
N HIS A 36 -16.69 -0.63 8.71
CA HIS A 36 -18.03 -0.30 8.23
C HIS A 36 -18.92 -1.54 8.23
N ARG A 37 -18.31 -2.69 7.96
CA ARG A 37 -19.05 -3.94 7.92
C ARG A 37 -20.24 -3.84 6.97
N ARG A 38 -19.97 -4.11 5.70
CA ARG A 38 -21.01 -4.04 4.67
C ARG A 38 -21.97 -5.24 4.79
N LYS A 39 -23.25 -4.99 4.49
CA LYS A 39 -24.26 -6.05 4.55
C LYS A 39 -25.04 -6.12 3.24
N ALA A 40 -25.42 -7.34 2.86
CA ALA A 40 -26.18 -7.54 1.62
C ALA A 40 -27.52 -6.83 1.69
N ALA A 41 -28.13 -6.83 2.87
CA ALA A 41 -29.43 -6.18 3.05
C ALA A 41 -29.32 -4.69 2.85
N ARG A 42 -30.35 -4.10 2.25
CA ARG A 42 -30.37 -2.67 2.01
C ARG A 42 -31.77 -2.11 2.17
N GLY A 1 12.64 6.29 15.95
CA GLY A 1 13.26 6.03 14.61
C GLY A 1 13.00 4.59 14.19
N GLN A 2 12.47 4.43 12.99
CA GLN A 2 12.16 3.10 12.45
C GLN A 2 13.44 2.31 12.24
N GLU A 3 14.48 3.02 11.74
CA GLU A 3 15.77 2.39 11.45
C GLU A 3 16.44 1.91 12.74
N THR A 4 16.31 2.73 13.78
CA THR A 4 16.91 2.40 15.07
C THR A 4 16.28 1.11 15.61
N ARG A 5 14.95 1.01 15.54
CA ARG A 5 14.24 -0.16 16.01
C ARG A 5 14.38 -1.31 15.02
N ALA A 6 14.52 -2.53 15.53
CA ALA A 6 14.67 -3.67 14.65
C ALA A 6 13.41 -3.89 13.82
N GLY A 7 13.58 -4.30 12.56
CA GLY A 7 12.45 -4.55 11.68
C GLY A 7 12.90 -5.21 10.38
N VAL A 8 11.94 -5.57 9.54
CA VAL A 8 12.24 -6.21 8.27
C VAL A 8 11.63 -5.39 7.13
N VAL A 9 12.46 -5.13 6.12
CA VAL A 9 12.02 -4.35 4.98
C VAL A 9 12.49 -5.01 3.68
N HIS A 10 11.61 -5.04 2.68
CA HIS A 10 11.93 -5.65 1.40
C HIS A 10 12.60 -4.62 0.48
N GLY A 11 13.79 -4.97 -0.02
CA GLY A 11 14.53 -4.09 -0.91
C GLY A 11 13.87 -3.98 -2.28
N ALA A 12 14.16 -2.90 -2.99
CA ALA A 12 13.57 -2.70 -4.31
C ALA A 12 14.50 -1.84 -5.15
N ILE A 13 14.39 -1.98 -6.47
CA ILE A 13 15.22 -1.22 -7.38
C ILE A 13 14.86 0.27 -7.34
N GLY A 14 13.57 0.59 -7.31
CA GLY A 14 13.13 1.97 -7.27
C GLY A 14 11.64 2.06 -6.99
N GLY A 15 11.16 3.26 -6.65
CA GLY A 15 9.74 3.44 -6.36
C GLY A 15 9.34 2.64 -5.14
N ALA A 16 10.26 2.44 -4.21
CA ALA A 16 9.94 1.73 -2.98
C ALA A 16 9.01 2.57 -2.13
N GLY A 17 9.15 3.89 -2.26
CA GLY A 17 8.29 4.81 -1.52
C GLY A 17 6.85 4.70 -2.02
N VAL A 18 6.70 4.60 -3.33
CA VAL A 18 5.37 4.48 -3.94
C VAL A 18 4.69 3.21 -3.44
N THR A 19 5.44 2.10 -3.41
CA THR A 19 4.91 0.83 -2.95
C THR A 19 4.46 0.96 -1.48
N ALA A 20 5.31 1.58 -0.67
CA ALA A 20 4.99 1.77 0.75
C ALA A 20 3.70 2.58 0.89
N LEU A 21 3.59 3.67 0.14
CA LEU A 21 2.39 4.51 0.20
C LEU A 21 1.16 3.73 -0.27
N LEU A 22 1.30 2.96 -1.34
CA LEU A 22 0.19 2.16 -1.85
C LEU A 22 -0.25 1.14 -0.80
N ALA A 23 0.72 0.51 -0.13
CA ALA A 23 0.39 -0.48 0.89
C ALA A 23 -0.36 0.19 2.02
N LEU A 24 0.08 1.39 2.40
CA LEU A 24 -0.59 2.13 3.46
C LEU A 24 -2.01 2.48 3.03
N CYS A 25 -2.19 2.90 1.79
CA CYS A 25 -3.53 3.25 1.31
C CYS A 25 -4.43 2.03 1.31
N LEU A 26 -3.89 0.89 0.89
CA LEU A 26 -4.63 -0.36 0.86
C LEU A 26 -5.01 -0.79 2.28
N CYS A 27 -4.11 -0.63 3.25
CA CYS A 27 -4.42 -0.99 4.62
C CYS A 27 -5.55 -0.12 5.15
N LEU A 28 -5.50 1.17 4.84
CA LEU A 28 -6.53 2.10 5.29
C LEU A 28 -7.88 1.71 4.71
N ILE A 29 -7.93 1.34 3.45
CA ILE A 29 -9.18 0.96 2.83
C ILE A 29 -9.75 -0.28 3.52
N PHE A 30 -8.89 -1.24 3.80
CA PHE A 30 -9.31 -2.47 4.48
C PHE A 30 -9.90 -2.17 5.85
N PHE A 31 -9.21 -1.32 6.62
CA PHE A 31 -9.72 -0.97 7.94
C PHE A 31 -11.06 -0.28 7.84
N ILE A 32 -11.22 0.63 6.90
CA ILE A 32 -12.48 1.33 6.75
C ILE A 32 -13.58 0.35 6.35
N VAL A 33 -13.26 -0.53 5.41
CA VAL A 33 -14.22 -1.50 4.95
C VAL A 33 -14.64 -2.43 6.08
N LYS A 34 -13.66 -2.92 6.82
CA LYS A 34 -13.93 -3.82 7.93
C LYS A 34 -14.73 -3.16 9.07
N THR A 35 -14.31 -1.95 9.44
CA THR A 35 -14.91 -1.20 10.55
C THR A 35 -16.31 -0.66 10.24
N HIS A 36 -16.58 -0.36 8.97
CA HIS A 36 -17.91 0.15 8.64
C HIS A 36 -18.90 -0.99 8.46
N ARG A 37 -18.43 -2.11 7.94
CA ARG A 37 -19.30 -3.26 7.74
C ARG A 37 -19.82 -3.78 9.07
N ARG A 38 -18.92 -3.87 10.05
CA ARG A 38 -19.27 -4.34 11.38
C ARG A 38 -19.93 -3.23 12.18
N LYS A 39 -20.91 -3.59 13.00
CA LYS A 39 -21.62 -2.60 13.83
C LYS A 39 -20.66 -1.94 14.81
N ALA A 40 -19.77 -2.75 15.40
CA ALA A 40 -18.79 -2.25 16.34
C ALA A 40 -17.45 -2.94 16.13
N ALA A 41 -16.36 -2.22 16.34
CA ALA A 41 -15.05 -2.79 16.16
C ALA A 41 -14.79 -3.86 17.21
N ARG A 42 -14.11 -4.93 16.80
CA ARG A 42 -13.82 -6.03 17.70
C ARG A 42 -15.05 -6.38 18.55
N GLY A 1 17.05 3.58 -24.90
CA GLY A 1 16.49 2.21 -25.12
C GLY A 1 17.49 1.37 -25.90
N GLN A 2 17.85 1.84 -27.09
CA GLN A 2 18.80 1.12 -27.93
C GLN A 2 20.17 1.08 -27.28
N GLU A 3 20.57 2.19 -26.68
CA GLU A 3 21.89 2.27 -26.03
C GLU A 3 21.97 1.35 -24.82
N THR A 4 20.91 1.32 -24.01
CA THR A 4 20.90 0.48 -22.81
C THR A 4 19.58 -0.27 -22.68
N ARG A 5 19.61 -1.39 -21.96
CA ARG A 5 18.41 -2.19 -21.74
C ARG A 5 18.20 -2.45 -20.25
N ALA A 6 16.96 -2.30 -19.81
CA ALA A 6 16.65 -2.52 -18.40
C ALA A 6 16.85 -3.97 -18.02
N GLY A 7 17.36 -4.20 -16.80
CA GLY A 7 17.61 -5.56 -16.33
C GLY A 7 16.31 -6.35 -16.22
N VAL A 8 15.25 -5.69 -15.77
CA VAL A 8 13.95 -6.35 -15.61
C VAL A 8 12.85 -5.52 -16.28
N VAL A 9 11.99 -6.19 -17.03
CA VAL A 9 10.88 -5.52 -17.71
C VAL A 9 9.92 -4.91 -16.69
N HIS A 10 9.59 -5.67 -15.66
CA HIS A 10 8.67 -5.20 -14.63
C HIS A 10 9.10 -5.70 -13.25
N GLY A 11 8.96 -4.85 -12.25
CA GLY A 11 9.34 -5.22 -10.89
C GLY A 11 10.64 -4.52 -10.48
N ALA A 12 10.80 -3.28 -10.93
CA ALA A 12 12.00 -2.51 -10.61
C ALA A 12 12.07 -2.22 -9.11
N ILE A 13 13.28 -2.22 -8.58
CA ILE A 13 13.49 -1.95 -7.15
C ILE A 13 13.17 -0.49 -6.83
N GLY A 14 13.26 0.36 -7.83
CA GLY A 14 12.99 1.78 -7.64
C GLY A 14 11.52 2.01 -7.30
N GLY A 15 11.22 3.21 -6.80
CA GLY A 15 9.84 3.54 -6.45
C GLY A 15 9.40 2.75 -5.22
N ALA A 16 10.34 2.37 -4.36
CA ALA A 16 9.96 1.63 -3.16
C ALA A 16 9.10 2.50 -2.25
N GLY A 17 9.30 3.82 -2.34
CA GLY A 17 8.50 4.75 -1.53
C GLY A 17 7.05 4.72 -1.99
N VAL A 18 6.86 4.66 -3.32
CA VAL A 18 5.53 4.62 -3.88
C VAL A 18 4.81 3.35 -3.44
N THR A 19 5.53 2.24 -3.49
CA THR A 19 4.96 0.96 -3.09
C THR A 19 4.54 1.01 -1.63
N ALA A 20 5.41 1.59 -0.80
CA ALA A 20 5.09 1.70 0.60
C ALA A 20 3.82 2.52 0.77
N LEU A 21 3.70 3.62 0.02
CA LEU A 21 2.51 4.46 0.09
C LEU A 21 1.27 3.69 -0.33
N LEU A 22 1.36 2.91 -1.41
CA LEU A 22 0.21 2.14 -1.87
C LEU A 22 -0.23 1.13 -0.80
N ALA A 23 0.75 0.49 -0.17
CA ALA A 23 0.43 -0.50 0.86
C ALA A 23 -0.31 0.18 2.02
N LEU A 24 0.12 1.39 2.37
CA LEU A 24 -0.54 2.12 3.43
C LEU A 24 -1.98 2.43 3.02
N CYS A 25 -2.18 2.83 1.77
CA CYS A 25 -3.51 3.15 1.29
C CYS A 25 -4.43 1.93 1.33
N LEU A 26 -3.90 0.77 0.94
CA LEU A 26 -4.68 -0.46 0.96
C LEU A 26 -5.07 -0.84 2.39
N CYS A 27 -4.15 -0.65 3.34
CA CYS A 27 -4.48 -0.98 4.74
C CYS A 27 -5.61 -0.08 5.24
N LEU A 28 -5.54 1.20 4.91
CA LEU A 28 -6.57 2.13 5.36
C LEU A 28 -7.94 1.72 4.78
N ILE A 29 -7.98 1.38 3.50
CA ILE A 29 -9.29 1.01 2.92
C ILE A 29 -9.85 -0.25 3.59
N PHE A 30 -9.02 -1.25 3.79
CA PHE A 30 -9.45 -2.49 4.44
C PHE A 30 -9.98 -2.20 5.85
N PHE A 31 -9.25 -1.41 6.62
CA PHE A 31 -9.68 -1.06 7.98
C PHE A 31 -11.01 -0.32 7.95
N ILE A 32 -11.15 0.64 7.02
CA ILE A 32 -12.40 1.39 6.94
C ILE A 32 -13.54 0.46 6.55
N VAL A 33 -13.30 -0.41 5.58
CA VAL A 33 -14.32 -1.36 5.14
C VAL A 33 -14.73 -2.28 6.28
N LYS A 34 -13.75 -2.81 7.00
CA LYS A 34 -14.00 -3.71 8.11
C LYS A 34 -14.82 -3.02 9.21
N THR A 35 -14.48 -1.76 9.47
CA THR A 35 -15.18 -0.99 10.50
C THR A 35 -16.60 -0.63 10.06
N HIS A 36 -16.82 -0.59 8.76
CA HIS A 36 -18.16 -0.30 8.23
C HIS A 36 -19.02 -1.56 8.28
N ARG A 37 -18.42 -2.72 8.03
CA ARG A 37 -19.16 -3.98 8.06
C ARG A 37 -19.67 -4.26 9.46
N ARG A 38 -18.85 -3.96 10.46
CA ARG A 38 -19.24 -4.18 11.85
C ARG A 38 -19.63 -5.64 12.08
N LYS A 39 -20.23 -5.92 13.22
CA LYS A 39 -20.65 -7.27 13.55
C LYS A 39 -21.69 -7.76 12.56
N ALA A 40 -22.64 -6.89 12.23
CA ALA A 40 -23.70 -7.25 11.29
C ALA A 40 -23.12 -7.47 9.89
N ALA A 41 -23.68 -8.46 9.18
CA ALA A 41 -23.22 -8.78 7.84
C ALA A 41 -24.34 -9.37 7.01
N ARG A 42 -24.27 -9.20 5.70
CA ARG A 42 -25.30 -9.72 4.80
C ARG A 42 -26.68 -9.25 5.24
N GLY A 1 26.66 6.00 -2.67
CA GLY A 1 27.58 7.17 -2.61
C GLY A 1 28.29 7.32 -3.96
N GLN A 2 29.62 7.27 -3.93
CA GLN A 2 30.41 7.40 -5.15
C GLN A 2 30.13 6.23 -6.09
N GLU A 3 30.01 5.03 -5.52
CA GLU A 3 29.74 3.83 -6.31
C GLU A 3 28.35 3.30 -6.01
N THR A 4 27.54 3.15 -7.06
CA THR A 4 26.19 2.65 -6.89
C THR A 4 26.18 1.12 -6.86
N ARG A 5 25.05 0.55 -6.43
CA ARG A 5 24.93 -0.91 -6.36
C ARG A 5 24.73 -1.49 -7.75
N ALA A 6 25.27 -2.69 -7.96
CA ALA A 6 25.15 -3.36 -9.25
C ALA A 6 23.70 -3.75 -9.51
N GLY A 7 23.27 -3.64 -10.77
CA GLY A 7 21.90 -4.00 -11.14
C GLY A 7 20.94 -2.85 -10.86
N VAL A 8 21.49 -1.68 -10.60
CA VAL A 8 20.68 -0.50 -10.33
C VAL A 8 21.01 0.62 -11.30
N VAL A 9 19.97 1.22 -11.89
CA VAL A 9 20.15 2.32 -12.84
C VAL A 9 19.24 3.50 -12.50
N HIS A 10 19.57 4.65 -13.04
CA HIS A 10 18.80 5.86 -12.79
C HIS A 10 17.40 5.74 -13.39
N GLY A 11 17.31 5.13 -14.57
CA GLY A 11 16.03 4.96 -15.23
C GLY A 11 15.07 4.12 -14.38
N ALA A 12 15.59 3.09 -13.74
CA ALA A 12 14.78 2.23 -12.91
C ALA A 12 14.74 2.75 -11.46
N ILE A 13 13.77 3.62 -11.18
CA ILE A 13 13.61 4.21 -9.84
C ILE A 13 13.25 3.11 -8.82
N GLY A 14 12.41 2.18 -9.24
CA GLY A 14 12.01 1.10 -8.33
C GLY A 14 11.08 1.64 -7.24
N GLY A 15 10.56 2.86 -7.50
CA GLY A 15 9.66 3.56 -6.57
C GLY A 15 9.27 2.70 -5.37
N ALA A 16 10.23 2.53 -4.46
CA ALA A 16 9.98 1.78 -3.23
C ALA A 16 9.09 2.59 -2.29
N GLY A 17 9.29 3.91 -2.31
CA GLY A 17 8.48 4.78 -1.47
C GLY A 17 7.04 4.76 -1.95
N VAL A 18 6.86 4.71 -3.26
CA VAL A 18 5.52 4.66 -3.84
C VAL A 18 4.81 3.39 -3.39
N THR A 19 5.53 2.28 -3.45
CA THR A 19 4.97 1.00 -3.04
C THR A 19 4.56 1.07 -1.58
N ALA A 20 5.43 1.66 -0.77
CA ALA A 20 5.12 1.80 0.64
C ALA A 20 3.84 2.61 0.80
N LEU A 21 3.70 3.68 0.02
CA LEU A 21 2.49 4.50 0.08
C LEU A 21 1.27 3.69 -0.33
N LEU A 22 1.39 2.89 -1.38
CA LEU A 22 0.25 2.08 -1.83
C LEU A 22 -0.15 1.09 -0.73
N ALA A 23 0.83 0.47 -0.08
CA ALA A 23 0.53 -0.48 0.97
C ALA A 23 -0.21 0.22 2.10
N LEU A 24 0.22 1.42 2.44
CA LEU A 24 -0.44 2.18 3.50
C LEU A 24 -1.88 2.49 3.10
N CYS A 25 -2.08 2.87 1.83
CA CYS A 25 -3.41 3.19 1.35
C CYS A 25 -4.29 1.94 1.39
N LEU A 26 -3.72 0.81 1.00
CA LEU A 26 -4.42 -0.46 1.00
C LEU A 26 -4.80 -0.87 2.42
N CYS A 27 -3.92 -0.66 3.39
CA CYS A 27 -4.27 -1.02 4.76
C CYS A 27 -5.43 -0.16 5.25
N LEU A 28 -5.40 1.12 4.87
CA LEU A 28 -6.45 2.05 5.29
C LEU A 28 -7.82 1.63 4.73
N ILE A 29 -7.88 1.24 3.45
CA ILE A 29 -9.18 0.86 2.87
C ILE A 29 -9.74 -0.38 3.56
N PHE A 30 -8.89 -1.37 3.85
CA PHE A 30 -9.36 -2.58 4.53
C PHE A 30 -9.91 -2.25 5.91
N PHE A 31 -9.22 -1.40 6.64
CA PHE A 31 -9.68 -1.01 7.97
C PHE A 31 -11.04 -0.31 7.92
N ILE A 32 -11.22 0.65 7.02
CA ILE A 32 -12.48 1.38 6.94
C ILE A 32 -13.66 0.48 6.54
N VAL A 33 -13.48 -0.37 5.55
CA VAL A 33 -14.58 -1.23 5.11
C VAL A 33 -14.97 -2.20 6.22
N LYS A 34 -13.98 -2.75 6.92
CA LYS A 34 -14.25 -3.69 8.00
C LYS A 34 -15.04 -3.03 9.11
N THR A 35 -14.64 -1.81 9.47
CA THR A 35 -15.32 -1.06 10.53
C THR A 35 -16.73 -0.66 10.11
N HIS A 36 -16.96 -0.58 8.80
CA HIS A 36 -18.29 -0.24 8.29
C HIS A 36 -19.19 -1.47 8.28
N ARG A 37 -18.61 -2.63 8.01
CA ARG A 37 -19.39 -3.86 7.98
C ARG A 37 -19.71 -4.32 9.40
N ARG A 38 -20.92 -4.83 9.58
CA ARG A 38 -21.35 -5.30 10.90
C ARG A 38 -22.00 -6.68 10.81
N LYS A 39 -21.84 -7.46 11.87
CA LYS A 39 -22.42 -8.80 11.90
C LYS A 39 -23.91 -8.74 12.18
N ALA A 40 -24.66 -9.70 11.63
CA ALA A 40 -26.10 -9.73 11.83
C ALA A 40 -26.43 -9.94 13.31
N ALA A 41 -25.63 -10.74 13.99
CA ALA A 41 -25.85 -11.01 15.41
C ALA A 41 -25.68 -9.73 16.21
N ARG A 42 -24.72 -8.90 15.82
CA ARG A 42 -24.47 -7.64 16.52
C ARG A 42 -23.82 -6.63 15.57
N GLY A 1 2.09 23.58 -27.87
CA GLY A 1 2.27 22.11 -27.96
C GLY A 1 3.47 21.65 -27.12
N GLN A 2 4.65 22.22 -27.39
CA GLN A 2 5.87 21.85 -26.66
C GLN A 2 5.75 22.20 -25.20
N GLU A 3 5.16 23.36 -24.95
CA GLU A 3 4.95 23.85 -23.60
C GLU A 3 4.00 22.94 -22.83
N THR A 4 4.31 22.67 -21.59
CA THR A 4 3.44 21.82 -20.79
C THR A 4 3.39 22.29 -19.35
N ARG A 5 2.33 21.93 -18.65
CA ARG A 5 2.18 22.32 -17.27
C ARG A 5 3.09 21.47 -16.38
N ALA A 6 3.59 22.08 -15.33
CA ALA A 6 4.48 21.40 -14.42
C ALA A 6 3.75 20.27 -13.68
N GLY A 7 4.45 19.15 -13.49
CA GLY A 7 3.86 18.00 -12.81
C GLY A 7 4.13 18.07 -11.31
N VAL A 8 3.63 17.06 -10.60
CA VAL A 8 3.80 16.99 -9.16
C VAL A 8 4.52 15.69 -8.79
N VAL A 9 5.55 15.80 -7.97
CA VAL A 9 6.31 14.64 -7.53
C VAL A 9 6.34 14.58 -6.00
N HIS A 10 6.05 13.41 -5.44
CA HIS A 10 6.04 13.23 -3.99
C HIS A 10 7.45 13.40 -3.44
N GLY A 11 8.43 12.89 -4.17
CA GLY A 11 9.82 12.99 -3.75
C GLY A 11 10.78 12.60 -4.87
N ALA A 12 12.08 12.72 -4.57
CA ALA A 12 13.11 12.38 -5.55
C ALA A 12 13.02 10.91 -5.93
N ILE A 13 12.74 10.06 -4.92
CA ILE A 13 12.64 8.63 -5.15
C ILE A 13 11.23 8.13 -4.84
N GLY A 14 10.65 7.42 -5.79
CA GLY A 14 9.31 6.88 -5.61
C GLY A 14 9.36 5.36 -5.48
N GLY A 15 9.81 4.69 -6.56
CA GLY A 15 9.92 3.23 -6.61
C GLY A 15 9.48 2.51 -5.33
N ALA A 16 10.40 2.34 -4.40
CA ALA A 16 10.07 1.68 -3.13
C ALA A 16 9.14 2.54 -2.28
N GLY A 17 9.31 3.87 -2.32
CA GLY A 17 8.45 4.77 -1.55
C GLY A 17 7.03 4.69 -2.05
N VAL A 18 6.88 4.57 -3.36
CA VAL A 18 5.57 4.48 -3.99
C VAL A 18 4.86 3.23 -3.49
N THR A 19 5.59 2.12 -3.46
CA THR A 19 5.00 0.86 -3.01
C THR A 19 4.55 0.97 -1.55
N ALA A 20 5.41 1.57 -0.75
CA ALA A 20 5.07 1.75 0.64
C ALA A 20 3.77 2.56 0.77
N LEU A 21 3.66 3.65 0.01
CA LEU A 21 2.47 4.49 0.08
C LEU A 21 1.23 3.67 -0.35
N LEU A 22 1.37 2.85 -1.40
CA LEU A 22 0.25 2.04 -1.84
C LEU A 22 -0.19 1.06 -0.76
N ALA A 23 0.77 0.44 -0.09
CA ALA A 23 0.45 -0.53 0.96
C ALA A 23 -0.30 0.16 2.09
N LEU A 24 0.16 1.34 2.48
CA LEU A 24 -0.51 2.07 3.54
C LEU A 24 -1.93 2.43 3.11
N CYS A 25 -2.10 2.84 1.86
CA CYS A 25 -3.43 3.21 1.37
C CYS A 25 -4.35 1.99 1.40
N LEU A 26 -3.82 0.84 0.97
CA LEU A 26 -4.59 -0.39 0.95
C LEU A 26 -4.98 -0.80 2.36
N CYS A 27 -4.08 -0.65 3.34
CA CYS A 27 -4.42 -1.03 4.70
C CYS A 27 -5.55 -0.14 5.23
N LEU A 28 -5.47 1.15 4.90
CA LEU A 28 -6.49 2.10 5.35
C LEU A 28 -7.85 1.71 4.79
N ILE A 29 -7.88 1.33 3.53
CA ILE A 29 -9.16 0.96 2.91
C ILE A 29 -9.73 -0.28 3.61
N PHE A 30 -8.88 -1.25 3.91
CA PHE A 30 -9.34 -2.46 4.60
C PHE A 30 -9.92 -2.12 5.98
N PHE A 31 -9.24 -1.27 6.74
CA PHE A 31 -9.75 -0.91 8.06
C PHE A 31 -11.09 -0.22 7.95
N ILE A 32 -11.23 0.70 6.99
CA ILE A 32 -12.51 1.40 6.84
C ILE A 32 -13.62 0.43 6.48
N VAL A 33 -13.33 -0.47 5.54
CA VAL A 33 -14.32 -1.43 5.08
C VAL A 33 -14.74 -2.35 6.22
N LYS A 34 -13.78 -2.84 6.98
CA LYS A 34 -14.08 -3.73 8.10
C LYS A 34 -14.91 -3.02 9.17
N THR A 35 -14.54 -1.78 9.46
CA THR A 35 -15.23 -0.96 10.45
C THR A 35 -16.65 -0.63 10.01
N HIS A 36 -16.85 -0.52 8.70
CA HIS A 36 -18.19 -0.22 8.18
C HIS A 36 -19.03 -1.51 8.23
N ARG A 37 -18.39 -2.63 7.90
CA ARG A 37 -19.06 -3.92 7.90
C ARG A 37 -19.35 -4.37 9.33
N ARG A 38 -20.55 -4.90 9.55
CA ARG A 38 -20.94 -5.36 10.87
C ARG A 38 -21.49 -6.79 10.81
N LYS A 39 -21.21 -7.56 11.84
CA LYS A 39 -21.67 -8.95 11.91
C LYS A 39 -22.51 -9.18 13.16
N ALA A 40 -23.54 -10.01 13.03
CA ALA A 40 -24.42 -10.28 14.16
C ALA A 40 -23.65 -10.95 15.30
N ALA A 41 -22.73 -11.84 14.94
CA ALA A 41 -21.93 -12.58 15.92
C ALA A 41 -20.49 -12.70 15.47
N ARG A 42 -19.56 -12.69 16.44
CA ARG A 42 -18.14 -12.80 16.12
C ARG A 42 -17.75 -11.79 15.06
#